data_9VX3
#
_entry.id   9VX3
#
_cell.length_a   54.139
_cell.length_b   69.512
_cell.length_c   93.396
_cell.angle_alpha   90.000
_cell.angle_beta   93.780
_cell.angle_gamma   90.000
#
_symmetry.space_group_name_H-M   'P 1 21 1'
#
loop_
_entity.id
_entity.type
_entity.pdbx_description
1 polymer 'HisMab-1VH(S112C),Serine/threonine-protein kinase 4 18kDa subunit'
2 polymer 'HisMab-1VL,Serine/threonine-protein kinase 4 18kDa subunit'
3 polymer 'Polyhistidine peptide'
4 water water
#
loop_
_entity_poly.entity_id
_entity_poly.type
_entity_poly.pdbx_seq_one_letter_code
_entity_poly.pdbx_strand_id
1 'polypeptide(L)'
;GREVQLQQFGAELVKPGASVKISCKASGYTFTDYNMDWVKQSHGKSLEWIGDINPNYDSTVYNQKFKGKATLTVDKSSST
AYMELRSLTSEDTAIYYCARDGAYAMDHWGQGTSVTVCSGSDYEFLKSWTVEDLQKRLLALDPMMEQEIEEIRQKYQSKR
QPILDAIEAKGTLLG
;
A,D
2 'polypeptide(L)'
;GRDIVMTQSPSSLSVSAGEKVTMSCKSSQSLLNSGHQKNYLAWYQQKPGQPPKLLISGASTRESGVPDRFTGSGSGTDFT
LTISSVQAEDLAVYYCQNDHRYPLTFGAGTKLELKRGSDYEFLKSWTVEDLQKRLLALDPMMEQEIEEIRQKYQCKRQPI
LDAIEAK
;
B,E
3 'polypeptide(L)' HHHHHH C,F
#
# COMPACT_ATOMS: atom_id res chain seq x y z
N GLU A 3 -3.25 -26.72 14.54
CA GLU A 3 -4.31 -25.74 14.33
C GLU A 3 -5.17 -26.06 13.11
N VAL A 4 -6.44 -25.70 13.19
CA VAL A 4 -7.40 -26.06 12.16
C VAL A 4 -7.08 -25.31 10.86
N GLN A 5 -7.20 -25.99 9.73
CA GLN A 5 -6.92 -25.40 8.43
C GLN A 5 -7.79 -26.02 7.36
N LEU A 6 -8.26 -25.18 6.43
CA LEU A 6 -9.03 -25.59 5.27
C LEU A 6 -8.40 -24.86 4.12
N GLN A 7 -7.70 -25.60 3.25
CA GLN A 7 -6.98 -25.00 2.14
C GLN A 7 -7.74 -25.21 0.85
N GLN A 8 -7.93 -24.14 0.08
CA GLN A 8 -8.76 -24.17 -1.11
C GLN A 8 -7.93 -24.09 -2.39
N PHE A 9 -8.31 -24.91 -3.37
CA PHE A 9 -7.69 -24.97 -4.70
C PHE A 9 -8.77 -25.09 -5.76
N GLY A 10 -8.41 -24.71 -6.97
CA GLY A 10 -9.34 -24.76 -8.08
C GLY A 10 -8.95 -23.78 -9.16
N ALA A 11 -9.55 -23.96 -10.33
CA ALA A 11 -9.32 -23.05 -11.44
C ALA A 11 -9.98 -21.71 -11.17
N GLU A 12 -9.31 -20.64 -11.61
CA GLU A 12 -9.76 -19.28 -11.41
C GLU A 12 -10.55 -18.74 -12.59
N LEU A 13 -10.09 -18.98 -13.81
CA LEU A 13 -10.65 -18.40 -15.02
C LEU A 13 -11.28 -19.49 -15.88
N VAL A 14 -12.54 -19.30 -16.25
CA VAL A 14 -13.28 -20.28 -17.03
C VAL A 14 -14.11 -19.57 -18.11
N LYS A 15 -14.29 -20.27 -19.24
CA LYS A 15 -15.21 -19.89 -20.29
C LYS A 15 -16.64 -20.23 -19.87
N PRO A 16 -17.64 -19.53 -20.41
CA PRO A 16 -19.03 -19.89 -20.11
C PRO A 16 -19.34 -21.30 -20.61
N GLY A 17 -20.17 -22.01 -19.85
CA GLY A 17 -20.48 -23.38 -20.17
C GLY A 17 -19.48 -24.39 -19.64
N ALA A 18 -18.40 -23.94 -19.00
CA ALA A 18 -17.43 -24.84 -18.40
C ALA A 18 -18.00 -25.48 -17.15
N SER A 19 -17.26 -26.43 -16.61
CA SER A 19 -17.50 -26.99 -15.29
C SER A 19 -16.18 -26.95 -14.54
N VAL A 20 -16.23 -26.57 -13.27
CA VAL A 20 -15.03 -26.40 -12.45
C VAL A 20 -15.24 -27.16 -11.15
N LYS A 21 -14.21 -27.89 -10.73
CA LYS A 21 -14.26 -28.64 -9.48
C LYS A 21 -13.32 -27.96 -8.50
N ILE A 22 -13.92 -27.31 -7.47
CA ILE A 22 -13.21 -26.66 -6.37
C ILE A 22 -12.89 -27.69 -5.29
N SER A 23 -11.75 -27.53 -4.67
CA SER A 23 -11.27 -28.49 -3.67
C SER A 23 -11.02 -27.78 -2.35
N CYS A 24 -11.25 -28.49 -1.27
CA CYS A 24 -11.11 -27.94 0.08
C CYS A 24 -10.46 -29.01 0.94
N LYS A 25 -9.20 -28.81 1.31
CA LYS A 25 -8.42 -29.81 2.03
C LYS A 25 -8.37 -29.44 3.50
N ALA A 26 -8.93 -30.30 4.35
CA ALA A 26 -9.06 -30.04 5.79
C ALA A 26 -7.94 -30.73 6.55
N SER A 27 -7.21 -29.96 7.35
CA SER A 27 -6.23 -30.54 8.26
C SER A 27 -6.49 -30.03 9.67
N GLY A 28 -6.00 -30.78 10.65
CA GLY A 28 -6.02 -30.38 12.05
C GLY A 28 -7.29 -30.70 12.83
N TYR A 29 -8.16 -31.55 12.31
CA TYR A 29 -9.38 -31.93 13.03
C TYR A 29 -9.97 -33.16 12.34
N THR A 30 -10.79 -33.89 13.08
CA THR A 30 -11.38 -35.12 12.56
C THR A 30 -12.43 -34.74 11.52
N PHE A 31 -12.08 -34.99 10.25
CA PHE A 31 -12.85 -34.49 9.13
C PHE A 31 -14.31 -34.94 9.18
N THR A 32 -14.53 -36.19 9.61
CA THR A 32 -15.88 -36.75 9.70
C THR A 32 -16.72 -36.19 10.85
N ASP A 33 -16.16 -35.38 11.74
CA ASP A 33 -16.90 -34.91 12.91
C ASP A 33 -17.66 -33.63 12.64
N TYR A 34 -17.59 -33.10 11.43
CA TYR A 34 -18.16 -31.79 11.12
C TYR A 34 -18.76 -31.86 9.73
N ASN A 35 -19.88 -31.16 9.54
CA ASN A 35 -20.33 -31.03 8.15
C ASN A 35 -19.40 -30.07 7.42
N MET A 36 -19.58 -29.98 6.12
CA MET A 36 -18.86 -28.95 5.37
C MET A 36 -19.87 -28.13 4.60
N ASP A 37 -19.82 -26.81 4.75
CA ASP A 37 -20.69 -25.88 4.06
C ASP A 37 -19.93 -25.28 2.90
N TRP A 38 -20.65 -24.88 1.86
CA TRP A 38 -20.08 -24.05 0.81
C TRP A 38 -20.84 -22.74 0.70
N VAL A 39 -20.11 -21.63 0.61
CA VAL A 39 -20.65 -20.28 0.63
C VAL A 39 -20.13 -19.52 -0.58
N LYS A 40 -21.01 -18.81 -1.27
CA LYS A 40 -20.68 -17.97 -2.40
C LYS A 40 -20.71 -16.51 -1.97
N GLN A 41 -19.65 -15.77 -2.26
CA GLN A 41 -19.67 -14.34 -2.02
C GLN A 41 -19.42 -13.61 -3.33
N SER A 42 -20.47 -12.96 -3.85
CA SER A 42 -20.33 -12.22 -5.08
C SER A 42 -19.73 -10.84 -4.80
N HIS A 43 -19.43 -10.11 -5.87
CA HIS A 43 -18.72 -8.84 -5.73
C HIS A 43 -19.54 -7.81 -4.96
N GLY A 44 -20.86 -7.98 -4.92
CA GLY A 44 -21.70 -7.08 -4.14
C GLY A 44 -21.54 -7.34 -2.66
N LYS A 45 -20.67 -8.31 -2.34
CA LYS A 45 -20.39 -8.83 -1.00
C LYS A 45 -21.57 -9.61 -0.43
N SER A 46 -22.62 -9.83 -1.21
CA SER A 46 -23.71 -10.70 -0.80
C SER A 46 -23.18 -12.11 -0.52
N LEU A 47 -23.56 -12.66 0.63
CA LEU A 47 -23.20 -14.02 1.03
C LEU A 47 -24.38 -14.94 0.79
N GLU A 48 -24.13 -16.10 0.18
CA GLU A 48 -25.18 -17.05 -0.16
C GLU A 48 -24.67 -18.44 0.17
N TRP A 49 -25.41 -19.15 0.99
CA TRP A 49 -25.05 -20.53 1.33
C TRP A 49 -25.52 -21.45 0.21
N ILE A 50 -24.62 -22.33 -0.26
CA ILE A 50 -24.93 -23.22 -1.36
C ILE A 50 -25.43 -24.56 -0.87
N GLY A 51 -24.78 -25.13 0.13
CA GLY A 51 -25.23 -26.39 0.68
C GLY A 51 -24.23 -26.93 1.66
N ASP A 52 -24.53 -28.09 2.20
CA ASP A 52 -23.56 -28.80 3.02
C ASP A 52 -23.53 -30.28 2.67
N ILE A 53 -22.46 -30.93 3.12
CA ILE A 53 -22.29 -32.37 2.99
C ILE A 53 -21.88 -32.93 4.35
N ASN A 54 -22.47 -34.06 4.71
CA ASN A 54 -22.03 -34.84 5.86
C ASN A 54 -21.00 -35.88 5.41
N PRO A 55 -19.75 -35.79 5.86
CA PRO A 55 -18.74 -36.73 5.36
C PRO A 55 -18.97 -38.17 5.76
N ASN A 56 -19.71 -38.42 6.85
CA ASN A 56 -19.89 -39.78 7.30
C ASN A 56 -20.86 -40.56 6.42
N TYR A 57 -21.87 -39.88 5.89
CA TYR A 57 -22.93 -40.53 5.13
C TYR A 57 -22.97 -40.11 3.66
N ASP A 58 -22.24 -39.08 3.28
CA ASP A 58 -22.36 -38.47 1.96
C ASP A 58 -23.77 -37.91 1.73
N SER A 59 -24.45 -37.53 2.81
CA SER A 59 -25.74 -36.86 2.67
C SER A 59 -25.52 -35.38 2.37
N THR A 60 -26.33 -34.84 1.48
CA THR A 60 -26.26 -33.43 1.11
C THR A 60 -27.57 -32.71 1.42
N VAL A 61 -27.46 -31.40 1.59
CA VAL A 61 -28.61 -30.51 1.54
C VAL A 61 -28.23 -29.31 0.69
N TYR A 62 -29.08 -28.97 -0.27
CA TYR A 62 -28.84 -27.88 -1.19
C TYR A 62 -29.83 -26.75 -0.97
N ASN A 63 -29.34 -25.54 -1.07
CA ASN A 63 -30.20 -24.43 -1.39
C ASN A 63 -30.82 -24.68 -2.76
N GLN A 64 -32.15 -24.70 -2.84
CA GLN A 64 -32.83 -24.88 -4.12
C GLN A 64 -32.23 -24.01 -5.22
N LYS A 65 -31.78 -22.80 -4.87
CA LYS A 65 -31.24 -21.87 -5.87
C LYS A 65 -30.00 -22.45 -6.55
N PHE A 66 -29.30 -23.37 -5.91
CA PHE A 66 -28.08 -23.94 -6.45
C PHE A 66 -28.20 -25.42 -6.79
N LYS A 67 -29.39 -25.98 -6.73
CA LYS A 67 -29.62 -27.37 -7.13
C LYS A 67 -29.24 -27.55 -8.60
N GLY A 68 -28.40 -28.55 -8.87
CA GLY A 68 -27.94 -28.76 -10.24
C GLY A 68 -26.73 -27.92 -10.59
N LYS A 69 -26.74 -26.65 -10.19
CA LYS A 69 -25.59 -25.78 -10.43
C LYS A 69 -24.37 -26.26 -9.67
N ALA A 70 -24.54 -26.78 -8.47
CA ALA A 70 -23.42 -27.23 -7.66
C ALA A 70 -23.64 -28.67 -7.24
N THR A 71 -22.53 -29.43 -7.16
CA THR A 71 -22.54 -30.79 -6.66
C THR A 71 -21.49 -30.88 -5.57
N LEU A 72 -21.83 -31.58 -4.48
CA LEU A 72 -20.96 -31.65 -3.30
C LEU A 72 -20.50 -33.09 -3.10
N THR A 73 -19.20 -33.28 -3.06
CA THR A 73 -18.65 -34.60 -2.80
C THR A 73 -17.60 -34.46 -1.71
N VAL A 74 -17.25 -35.59 -1.09
CA VAL A 74 -16.13 -35.62 -0.16
C VAL A 74 -15.28 -36.84 -0.50
N ASP A 75 -14.00 -36.76 -0.14
CA ASP A 75 -13.07 -37.89 -0.15
C ASP A 75 -12.58 -38.06 1.28
N LYS A 76 -13.25 -38.92 2.03
CA LYS A 76 -12.93 -39.11 3.44
C LYS A 76 -11.48 -39.51 3.63
N SER A 77 -10.94 -40.35 2.73
CA SER A 77 -9.59 -40.86 2.89
C SER A 77 -8.57 -39.73 3.01
N SER A 78 -8.77 -38.64 2.27
CA SER A 78 -7.82 -37.55 2.19
C SER A 78 -8.34 -36.29 2.87
N SER A 79 -9.43 -36.37 3.61
CA SER A 79 -10.03 -35.22 4.29
C SER A 79 -10.23 -34.07 3.32
N THR A 80 -10.89 -34.35 2.20
CA THR A 80 -11.05 -33.34 1.16
C THR A 80 -12.52 -33.28 0.76
N ALA A 81 -13.06 -32.07 0.67
CA ALA A 81 -14.40 -31.83 0.16
C ALA A 81 -14.29 -31.10 -1.17
N TYR A 82 -15.29 -31.33 -2.02
CA TYR A 82 -15.32 -30.84 -3.39
C TYR A 82 -16.64 -30.13 -3.69
N MET A 83 -16.57 -29.06 -4.47
CA MET A 83 -17.77 -28.50 -5.08
C MET A 83 -17.54 -28.36 -6.58
N GLU A 84 -18.42 -28.98 -7.37
CA GLU A 84 -18.39 -28.89 -8.83
C GLU A 84 -19.46 -27.90 -9.28
N LEU A 85 -19.01 -26.82 -9.93
CA LEU A 85 -19.91 -25.83 -10.49
C LEU A 85 -20.06 -26.11 -11.98
N ARG A 86 -21.30 -26.20 -12.44
CA ARG A 86 -21.61 -26.63 -13.81
C ARG A 86 -22.38 -25.57 -14.56
N SER A 87 -22.26 -25.59 -15.89
CA SER A 87 -22.93 -24.65 -16.78
C SER A 87 -22.65 -23.21 -16.37
N LEU A 88 -21.36 -22.89 -16.31
CA LEU A 88 -20.94 -21.64 -15.72
C LEU A 88 -21.42 -20.46 -16.55
N THR A 89 -22.04 -19.49 -15.88
CA THR A 89 -22.44 -18.23 -16.48
C THR A 89 -21.68 -17.10 -15.81
N SER A 90 -21.65 -15.94 -16.47
CA SER A 90 -21.06 -14.76 -15.85
C SER A 90 -21.68 -14.49 -14.47
N GLU A 91 -22.95 -14.83 -14.30
CA GLU A 91 -23.60 -14.68 -13.01
C GLU A 91 -22.98 -15.56 -11.92
N ASP A 92 -22.15 -16.53 -12.30
CA ASP A 92 -21.51 -17.41 -11.32
C ASP A 92 -20.16 -16.87 -10.84
N THR A 93 -19.74 -15.72 -11.35
CA THR A 93 -18.47 -15.13 -10.91
C THR A 93 -18.56 -14.69 -9.46
N ALA A 94 -17.68 -15.26 -8.62
CA ALA A 94 -17.69 -14.98 -7.19
C ALA A 94 -16.47 -15.64 -6.58
N ILE A 95 -16.23 -15.31 -5.31
CA ILE A 95 -15.35 -16.10 -4.46
C ILE A 95 -16.18 -17.16 -3.76
N TYR A 96 -15.70 -18.40 -3.74
CA TYR A 96 -16.41 -19.51 -3.14
C TYR A 96 -15.63 -20.01 -1.93
N TYR A 97 -16.31 -20.13 -0.80
CA TYR A 97 -15.69 -20.56 0.45
C TYR A 97 -16.21 -21.94 0.82
N CYS A 98 -15.35 -22.76 1.40
CA CYS A 98 -15.81 -23.88 2.19
C CYS A 98 -15.66 -23.48 3.66
N ALA A 99 -16.59 -23.91 4.48
CA ALA A 99 -16.48 -23.66 5.90
C ALA A 99 -16.83 -24.94 6.63
N ARG A 100 -16.21 -25.12 7.79
CA ARG A 100 -16.52 -26.25 8.64
C ARG A 100 -17.73 -25.91 9.50
N ASP A 101 -18.65 -26.87 9.63
CA ASP A 101 -19.93 -26.60 10.30
C ASP A 101 -20.32 -27.80 11.14
N GLY A 102 -20.18 -27.68 12.46
CA GLY A 102 -20.58 -28.72 13.39
C GLY A 102 -21.75 -28.31 14.27
N ALA A 103 -21.46 -27.89 15.51
CA ALA A 103 -22.49 -27.45 16.42
C ALA A 103 -22.48 -25.94 16.63
N TYR A 104 -21.44 -25.25 16.16
CA TYR A 104 -21.16 -23.86 16.46
C TYR A 104 -21.04 -23.05 15.19
N ALA A 105 -21.96 -23.31 14.24
CA ALA A 105 -22.02 -22.59 12.98
C ALA A 105 -20.73 -22.79 12.18
N MET A 106 -20.32 -21.78 11.40
CA MET A 106 -19.19 -21.91 10.47
C MET A 106 -17.97 -21.29 11.12
N ASP A 107 -17.29 -22.09 11.94
CA ASP A 107 -16.25 -21.56 12.81
C ASP A 107 -14.86 -21.64 12.22
N HIS A 108 -14.71 -22.20 11.01
CA HIS A 108 -13.46 -22.10 10.27
C HIS A 108 -13.79 -22.08 8.78
N TRP A 109 -13.12 -21.20 8.06
CA TRP A 109 -13.34 -20.96 6.65
C TRP A 109 -12.05 -21.16 5.86
N GLY A 110 -12.17 -21.77 4.71
CA GLY A 110 -11.08 -21.70 3.75
C GLY A 110 -10.83 -20.27 3.32
N GLN A 111 -9.71 -20.07 2.64
CA GLN A 111 -9.35 -18.73 2.18
C GLN A 111 -10.22 -18.26 1.01
N GLY A 112 -10.93 -19.18 0.36
CA GLY A 112 -11.77 -18.81 -0.77
C GLY A 112 -11.09 -19.05 -2.10
N THR A 113 -11.84 -19.56 -3.07
CA THR A 113 -11.37 -19.70 -4.44
C THR A 113 -12.17 -18.74 -5.31
N SER A 114 -11.46 -17.80 -5.92
CA SER A 114 -12.09 -16.83 -6.82
C SER A 114 -12.34 -17.47 -8.17
N VAL A 115 -13.59 -17.51 -8.59
CA VAL A 115 -13.99 -18.09 -9.87
C VAL A 115 -14.47 -16.94 -10.75
N THR A 116 -13.72 -16.66 -11.82
CA THR A 116 -14.07 -15.60 -12.76
C THR A 116 -14.50 -16.23 -14.07
N VAL A 117 -15.70 -15.90 -14.51
CA VAL A 117 -16.26 -16.41 -15.77
C VAL A 117 -16.30 -15.25 -16.75
N CYS A 118 -15.40 -15.26 -17.72
CA CYS A 118 -15.49 -14.26 -18.79
C CYS A 118 -16.76 -14.48 -19.60
N SER A 119 -17.36 -13.39 -20.06
CA SER A 119 -18.73 -13.43 -20.56
C SER A 119 -18.84 -13.81 -22.05
N GLY A 120 -17.72 -13.89 -22.78
CA GLY A 120 -17.69 -14.30 -24.19
C GLY A 120 -18.91 -14.07 -25.06
N GLU A 124 -16.13 -13.53 -30.41
CA GLU A 124 -16.56 -14.13 -31.68
C GLU A 124 -16.28 -13.21 -32.87
N PHE A 125 -16.66 -11.95 -32.71
CA PHE A 125 -16.45 -10.94 -33.76
C PHE A 125 -14.98 -10.67 -34.01
N LEU A 126 -14.14 -10.88 -32.98
CA LEU A 126 -12.71 -10.62 -33.09
C LEU A 126 -12.02 -11.55 -34.06
N LYS A 127 -12.62 -12.70 -34.36
CA LYS A 127 -11.99 -13.67 -35.25
C LYS A 127 -11.62 -13.04 -36.58
N SER A 128 -12.48 -12.17 -37.12
CA SER A 128 -12.25 -11.56 -38.42
C SER A 128 -11.29 -10.38 -38.38
N TRP A 129 -11.03 -9.81 -37.19
CA TRP A 129 -10.13 -8.67 -37.09
C TRP A 129 -8.73 -9.04 -37.54
N THR A 130 -8.00 -8.04 -38.04
CA THR A 130 -6.63 -8.24 -38.45
C THR A 130 -5.71 -8.31 -37.23
N VAL A 131 -4.46 -8.69 -37.48
CA VAL A 131 -3.48 -8.74 -36.40
C VAL A 131 -3.15 -7.34 -35.91
N GLU A 132 -3.12 -6.35 -36.82
CA GLU A 132 -2.80 -4.98 -36.42
C GLU A 132 -3.85 -4.43 -35.46
N ASP A 133 -5.13 -4.69 -35.74
CA ASP A 133 -6.20 -4.14 -34.91
C ASP A 133 -6.33 -4.90 -33.59
N LEU A 134 -6.00 -6.20 -33.58
CA LEU A 134 -6.07 -6.96 -32.34
C LEU A 134 -5.01 -6.47 -31.35
N GLN A 135 -3.78 -6.31 -31.84
CA GLN A 135 -2.71 -5.82 -30.98
C GLN A 135 -2.95 -4.39 -30.54
N LYS A 136 -3.64 -3.59 -31.37
CA LYS A 136 -3.98 -2.23 -30.97
C LYS A 136 -4.91 -2.24 -29.77
N ARG A 137 -6.05 -2.90 -29.90
CA ARG A 137 -6.96 -3.05 -28.77
C ARG A 137 -6.24 -3.60 -27.56
N LEU A 138 -5.47 -4.69 -27.75
CA LEU A 138 -4.73 -5.29 -26.65
C LEU A 138 -3.75 -4.31 -26.02
N LEU A 139 -3.22 -3.38 -26.82
CA LEU A 139 -2.32 -2.35 -26.29
C LEU A 139 -3.07 -1.24 -25.57
N ALA A 140 -4.34 -1.03 -25.87
CA ALA A 140 -5.08 0.06 -25.24
C ALA A 140 -5.59 -0.31 -23.85
N LEU A 141 -5.54 -1.59 -23.49
CA LEU A 141 -6.22 -2.04 -22.29
C LEU A 141 -5.38 -1.80 -21.04
N ASP A 142 -4.07 -1.99 -21.12
CA ASP A 142 -3.24 -1.79 -19.94
C ASP A 142 -3.15 -0.31 -19.55
N PRO A 143 -2.93 0.64 -20.47
CA PRO A 143 -3.11 2.05 -20.10
C PRO A 143 -4.45 2.33 -19.46
N MET A 144 -5.52 1.71 -19.96
CA MET A 144 -6.82 1.88 -19.34
C MET A 144 -6.85 1.26 -17.95
N MET A 145 -6.33 0.05 -17.79
CA MET A 145 -6.35 -0.61 -16.48
C MET A 145 -5.52 0.17 -15.47
N GLU A 146 -4.41 0.77 -15.90
CA GLU A 146 -3.58 1.55 -14.99
C GLU A 146 -4.34 2.76 -14.46
N GLN A 147 -4.93 3.56 -15.37
CA GLN A 147 -5.64 4.75 -14.93
C GLN A 147 -6.79 4.42 -14.00
N GLU A 148 -7.47 3.30 -14.21
CA GLU A 148 -8.55 2.91 -13.31
C GLU A 148 -8.01 2.56 -11.92
N ILE A 149 -6.86 1.88 -11.86
CA ILE A 149 -6.26 1.56 -10.57
C ILE A 149 -5.75 2.82 -9.88
N GLU A 150 -5.15 3.73 -10.65
CA GLU A 150 -4.64 4.96 -10.04
C GLU A 150 -5.74 5.79 -9.40
N GLU A 151 -6.97 5.71 -9.95
CA GLU A 151 -8.12 6.30 -9.25
C GLU A 151 -8.29 5.69 -7.85
N ILE A 152 -8.16 4.37 -7.74
CA ILE A 152 -8.28 3.74 -6.44
C ILE A 152 -7.16 4.20 -5.52
N ARG A 153 -5.91 4.19 -6.01
CA ARG A 153 -4.80 4.62 -5.18
C ARG A 153 -5.01 6.03 -4.67
N GLN A 154 -5.60 6.89 -5.48
CA GLN A 154 -5.90 8.25 -5.02
C GLN A 154 -7.04 8.26 -4.02
N LYS A 155 -8.02 7.38 -4.21
CA LYS A 155 -9.14 7.29 -3.27
C LYS A 155 -8.65 6.94 -1.88
N TYR A 156 -7.76 5.95 -1.80
CA TYR A 156 -7.27 5.53 -0.49
C TYR A 156 -6.18 6.44 0.03
N GLN A 157 -5.41 7.08 -0.85
CA GLN A 157 -4.50 8.12 -0.40
C GLN A 157 -5.24 9.22 0.35
N SER A 158 -6.51 9.44 0.01
CA SER A 158 -7.30 10.46 0.69
C SER A 158 -7.67 10.03 2.10
N LYS A 159 -7.78 8.72 2.34
CA LYS A 159 -8.05 8.23 3.70
C LYS A 159 -6.78 8.01 4.50
N ARG A 160 -5.65 7.73 3.85
CA ARG A 160 -4.41 7.51 4.58
C ARG A 160 -3.84 8.80 5.11
N GLN A 161 -4.11 9.91 4.43
CA GLN A 161 -3.44 11.15 4.78
C GLN A 161 -3.88 11.68 6.15
N PRO A 162 -5.17 11.67 6.50
CA PRO A 162 -5.53 12.16 7.84
C PRO A 162 -5.03 11.26 8.97
N ILE A 163 -4.85 9.96 8.72
CA ILE A 163 -4.33 9.08 9.76
C ILE A 163 -2.83 9.26 9.92
N LEU A 164 -2.11 9.38 8.80
CA LEU A 164 -0.66 9.63 8.86
C LEU A 164 -0.37 10.91 9.63
N ASP A 165 -1.12 11.98 9.34
CA ASP A 165 -0.91 13.25 10.02
C ASP A 165 -1.07 13.11 11.53
N ALA A 166 -2.08 12.36 11.98
CA ALA A 166 -2.32 12.22 13.40
C ALA A 166 -1.16 11.48 14.09
N ILE A 167 -0.61 10.47 13.43
CA ILE A 167 0.54 9.78 14.00
C ILE A 167 1.73 10.72 14.10
N GLU A 168 1.93 11.54 13.08
CA GLU A 168 3.10 12.42 13.03
C GLU A 168 3.09 13.43 14.17
N ALA A 169 1.91 13.77 14.70
CA ALA A 169 1.83 14.84 15.69
C ALA A 169 2.10 14.32 17.10
N LYS A 170 1.65 13.12 17.42
CA LYS A 170 1.87 12.56 18.76
C LYS A 170 3.36 12.42 19.12
N ASP B 3 -39.32 -20.03 4.58
CA ASP B 3 -37.94 -19.70 4.20
C ASP B 3 -37.50 -18.39 4.85
N ILE B 4 -36.42 -18.45 5.64
CA ILE B 4 -36.08 -17.39 6.58
C ILE B 4 -35.28 -16.30 5.88
N VAL B 5 -35.54 -15.05 6.26
CA VAL B 5 -34.91 -13.87 5.69
C VAL B 5 -34.31 -13.04 6.81
N MET B 6 -33.06 -12.64 6.65
CA MET B 6 -32.32 -11.90 7.66
C MET B 6 -32.23 -10.44 7.25
N THR B 7 -32.47 -9.53 8.20
CA THR B 7 -32.37 -8.09 7.96
C THR B 7 -31.52 -7.47 9.06
N GLN B 8 -30.51 -6.71 8.67
CA GLN B 8 -29.65 -6.01 9.60
C GLN B 8 -29.85 -4.51 9.45
N SER B 9 -29.50 -3.79 10.52
CA SER B 9 -29.57 -2.33 10.49
C SER B 9 -28.61 -1.80 11.55
N PRO B 10 -27.98 -0.64 11.32
CA PRO B 10 -28.07 0.06 10.04
C PRO B 10 -27.18 -0.58 8.97
N SER B 11 -27.22 -0.06 7.75
CA SER B 11 -26.34 -0.56 6.70
C SER B 11 -24.89 -0.15 6.96
N SER B 12 -24.67 1.13 7.24
CA SER B 12 -23.36 1.66 7.59
C SER B 12 -23.42 2.29 8.97
N LEU B 13 -22.26 2.67 9.50
CA LEU B 13 -22.21 3.21 10.86
C LEU B 13 -20.88 3.91 11.08
N SER B 14 -20.89 5.24 11.12
CA SER B 14 -19.70 5.98 11.51
C SER B 14 -19.40 5.70 12.99
N VAL B 15 -18.13 5.87 13.36
CA VAL B 15 -17.74 5.51 14.72
C VAL B 15 -16.67 6.46 15.25
N SER B 16 -16.16 6.16 16.43
CA SER B 16 -15.08 6.94 17.05
C SER B 16 -14.47 6.12 18.19
N ALA B 17 -13.41 6.66 18.76
CA ALA B 17 -12.60 5.97 19.77
C ALA B 17 -13.43 5.66 21.01
N GLY B 18 -13.54 4.37 21.34
CA GLY B 18 -14.23 3.98 22.55
C GLY B 18 -15.73 4.09 22.52
N GLU B 19 -16.32 4.54 21.41
CA GLU B 19 -17.77 4.61 21.30
C GLU B 19 -18.38 3.22 21.36
N LYS B 20 -19.59 3.14 21.92
CA LYS B 20 -20.34 1.90 21.97
C LYS B 20 -21.25 1.82 20.73
N VAL B 21 -21.21 0.70 20.03
CA VAL B 21 -22.02 0.53 18.83
C VAL B 21 -22.98 -0.64 19.02
N THR B 22 -24.07 -0.62 18.26
CA THR B 22 -25.15 -1.59 18.40
C THR B 22 -25.74 -1.86 17.03
N MET B 23 -25.55 -3.07 16.52
CA MET B 23 -26.16 -3.48 15.27
C MET B 23 -27.36 -4.37 15.56
N SER B 24 -28.41 -4.21 14.78
CA SER B 24 -29.60 -5.01 14.94
C SER B 24 -29.66 -6.10 13.88
N CYS B 25 -30.22 -7.23 14.26
CA CYS B 25 -30.47 -8.33 13.35
C CYS B 25 -31.85 -8.89 13.64
N LYS B 26 -32.71 -8.89 12.63
CA LYS B 26 -34.07 -9.34 12.79
C LYS B 26 -34.36 -10.41 11.75
N SER B 27 -34.89 -11.55 12.20
CA SER B 27 -35.20 -12.70 11.36
C SER B 27 -36.70 -12.78 11.13
N SER B 28 -37.09 -13.23 9.93
CA SER B 28 -38.51 -13.29 9.56
C SER B 28 -39.26 -14.36 10.32
N GLN B 29 -38.54 -15.26 10.99
CA GLN B 29 -39.12 -16.37 11.74
C GLN B 29 -38.21 -16.66 12.92
N SER B 30 -38.79 -17.24 13.96
CA SER B 30 -38.04 -17.52 15.17
C SER B 30 -36.84 -18.40 14.88
N LEU B 31 -35.69 -18.02 15.46
CA LEU B 31 -34.48 -18.83 15.42
C LEU B 31 -34.34 -19.67 16.69
N LEU B 32 -35.44 -19.86 17.42
CA LEU B 32 -35.42 -20.51 18.72
C LEU B 32 -35.74 -21.99 18.58
N ASN B 33 -34.75 -22.84 18.80
CA ASN B 33 -34.93 -24.29 18.85
C ASN B 33 -35.25 -24.64 20.31
N SER B 34 -36.52 -24.96 20.58
CA SER B 34 -37.02 -25.06 21.96
C SER B 34 -36.53 -26.32 22.66
N GLY B 35 -36.34 -27.40 21.91
CA GLY B 35 -35.79 -28.60 22.51
C GLY B 35 -34.34 -28.42 22.90
N HIS B 36 -33.59 -27.68 22.10
CA HIS B 36 -32.22 -27.36 22.43
C HIS B 36 -32.09 -26.20 23.40
N GLN B 37 -33.17 -25.45 23.62
CA GLN B 37 -33.15 -24.27 24.48
C GLN B 37 -32.04 -23.32 24.01
N LYS B 38 -32.14 -22.93 22.73
CA LYS B 38 -31.04 -22.24 22.09
C LYS B 38 -31.55 -21.47 20.88
N ASN B 39 -31.18 -20.19 20.80
CA ASN B 39 -31.39 -19.40 19.59
C ASN B 39 -30.18 -19.58 18.70
N TYR B 40 -30.41 -20.01 17.46
CA TYR B 40 -29.32 -20.42 16.60
C TYR B 40 -29.04 -19.32 15.57
N LEU B 41 -28.46 -18.25 16.11
CA LEU B 41 -28.09 -17.05 15.38
C LEU B 41 -26.59 -16.92 15.52
N ALA B 42 -25.91 -16.51 14.45
CA ALA B 42 -24.46 -16.41 14.51
C ALA B 42 -24.03 -15.07 13.90
N TRP B 43 -22.91 -14.56 14.39
CA TRP B 43 -22.36 -13.29 13.94
C TRP B 43 -20.97 -13.49 13.38
N TYR B 44 -20.68 -12.83 12.27
CA TYR B 44 -19.37 -12.95 11.64
C TYR B 44 -18.79 -11.57 11.44
N GLN B 45 -17.45 -11.50 11.49
CA GLN B 45 -16.70 -10.28 11.22
C GLN B 45 -15.85 -10.54 9.98
N GLN B 46 -16.02 -9.71 8.94
CA GLN B 46 -15.25 -9.85 7.72
C GLN B 46 -14.48 -8.58 7.40
N LYS B 47 -13.12 -8.69 7.35
CA LYS B 47 -12.19 -7.67 6.87
C LYS B 47 -11.84 -7.92 5.41
N PRO B 48 -11.64 -6.86 4.63
CA PRO B 48 -11.36 -7.03 3.20
C PRO B 48 -10.16 -7.93 2.94
N GLY B 49 -10.31 -8.85 2.00
CA GLY B 49 -9.29 -9.81 1.67
C GLY B 49 -9.36 -11.11 2.45
N GLN B 50 -10.06 -11.12 3.58
CA GLN B 50 -10.13 -12.32 4.41
C GLN B 50 -11.54 -12.92 4.39
N PRO B 51 -11.65 -14.22 4.66
CA PRO B 51 -12.98 -14.83 4.84
C PRO B 51 -13.68 -14.28 6.06
N PRO B 52 -15.00 -14.42 6.14
CA PRO B 52 -15.69 -14.05 7.39
C PRO B 52 -15.18 -14.88 8.55
N LYS B 53 -15.19 -14.28 9.74
CA LYS B 53 -14.74 -14.95 10.95
C LYS B 53 -15.89 -15.01 11.95
N LEU B 54 -16.11 -16.18 12.52
CA LEU B 54 -17.12 -16.33 13.55
C LEU B 54 -16.71 -15.55 14.79
N LEU B 55 -17.58 -14.63 15.22
CA LEU B 55 -17.48 -13.99 16.52
C LEU B 55 -18.38 -14.62 17.57
N ILE B 56 -19.63 -14.90 17.22
CA ILE B 56 -20.63 -15.35 18.18
C ILE B 56 -21.48 -16.42 17.54
N SER B 57 -21.73 -17.49 18.28
CA SER B 57 -22.66 -18.53 17.86
C SER B 57 -23.75 -18.67 18.90
N GLY B 58 -24.88 -19.21 18.48
CA GLY B 58 -25.97 -19.42 19.42
C GLY B 58 -26.46 -18.14 20.07
N ALA B 59 -26.32 -17.00 19.37
CA ALA B 59 -26.83 -15.69 19.75
C ALA B 59 -25.97 -14.95 20.76
N SER B 60 -25.33 -15.67 21.71
CA SER B 60 -24.60 -15.04 22.81
C SER B 60 -23.21 -15.60 23.09
N THR B 61 -22.78 -16.69 22.46
CA THR B 61 -21.55 -17.40 22.80
C THR B 61 -20.39 -16.84 21.97
N ARG B 62 -19.46 -16.15 22.63
CA ARG B 62 -18.24 -15.69 21.98
C ARG B 62 -17.30 -16.86 21.70
N GLU B 63 -16.70 -16.86 20.52
CA GLU B 63 -15.69 -17.87 20.23
C GLU B 63 -14.37 -17.52 20.93
N SER B 64 -13.46 -18.48 20.92
CA SER B 64 -12.13 -18.25 21.46
C SER B 64 -11.44 -17.11 20.73
N GLY B 65 -10.78 -16.24 21.49
CA GLY B 65 -10.10 -15.11 20.92
C GLY B 65 -10.97 -13.92 20.60
N VAL B 66 -12.25 -13.96 20.94
CA VAL B 66 -13.16 -12.84 20.74
C VAL B 66 -13.23 -12.05 22.04
N PRO B 67 -12.88 -10.76 22.06
CA PRO B 67 -12.86 -10.00 23.32
C PRO B 67 -14.25 -9.81 23.91
N ASP B 68 -14.27 -9.61 25.25
CA ASP B 68 -15.51 -9.38 25.99
C ASP B 68 -16.26 -8.16 25.48
N ARG B 69 -15.56 -7.25 24.80
CA ARG B 69 -16.20 -6.08 24.21
C ARG B 69 -17.35 -6.44 23.28
N PHE B 70 -17.29 -7.61 22.64
CA PHE B 70 -18.38 -8.09 21.79
C PHE B 70 -19.39 -8.88 22.61
N THR B 71 -20.62 -8.40 22.68
CA THR B 71 -21.71 -9.08 23.37
C THR B 71 -22.88 -9.26 22.43
N GLY B 72 -23.28 -10.51 22.20
CA GLY B 72 -24.50 -10.80 21.47
C GLY B 72 -25.67 -11.02 22.43
N SER B 73 -26.84 -10.56 22.02
CA SER B 73 -28.06 -10.74 22.81
C SER B 73 -29.26 -10.78 21.88
N GLY B 74 -30.40 -11.20 22.42
CA GLY B 74 -31.65 -11.29 21.69
C GLY B 74 -32.33 -12.62 21.93
N SER B 75 -33.39 -12.86 21.14
CA SER B 75 -34.19 -14.08 21.26
C SER B 75 -35.22 -14.06 20.13
N GLY B 76 -35.80 -15.23 19.85
CA GLY B 76 -36.82 -15.36 18.83
C GLY B 76 -36.44 -14.84 17.45
N THR B 77 -36.77 -13.57 17.19
CA THR B 77 -36.54 -12.95 15.89
C THR B 77 -35.79 -11.61 15.95
N ASP B 78 -35.31 -11.19 17.13
CA ASP B 78 -34.69 -9.89 17.28
C ASP B 78 -33.38 -10.05 18.04
N PHE B 79 -32.28 -9.59 17.43
CA PHE B 79 -30.96 -9.81 17.98
C PHE B 79 -30.10 -8.56 17.80
N THR B 80 -29.17 -8.35 18.73
CA THR B 80 -28.23 -7.23 18.62
C THR B 80 -26.82 -7.71 18.90
N LEU B 81 -25.84 -7.02 18.31
CA LEU B 81 -24.43 -7.24 18.59
C LEU B 81 -23.81 -5.91 19.04
N THR B 82 -23.20 -5.92 20.22
CA THR B 82 -22.78 -4.70 20.91
C THR B 82 -21.29 -4.72 21.16
N ILE B 83 -20.61 -3.61 20.86
CA ILE B 83 -19.19 -3.42 21.15
C ILE B 83 -19.09 -2.35 22.21
N SER B 84 -18.64 -2.73 23.41
CA SER B 84 -18.61 -1.80 24.53
C SER B 84 -17.63 -0.65 24.25
N SER B 85 -16.40 -0.97 23.88
CA SER B 85 -15.40 0.04 23.55
C SER B 85 -14.81 -0.30 22.19
N VAL B 86 -15.22 0.44 21.16
CA VAL B 86 -14.75 0.19 19.80
C VAL B 86 -13.26 0.47 19.70
N GLN B 87 -12.52 -0.47 19.09
CA GLN B 87 -11.11 -0.31 18.76
C GLN B 87 -10.94 -0.38 17.25
N ALA B 88 -9.75 0.03 16.77
CA ALA B 88 -9.53 0.15 15.34
C ALA B 88 -9.71 -1.19 14.62
N GLU B 89 -9.31 -2.29 15.26
CA GLU B 89 -9.43 -3.60 14.64
C GLU B 89 -10.88 -4.01 14.42
N ASP B 90 -11.82 -3.34 15.07
CA ASP B 90 -13.22 -3.70 14.91
C ASP B 90 -13.85 -3.09 13.68
N LEU B 91 -13.14 -2.23 12.95
CA LEU B 91 -13.65 -1.62 11.73
C LEU B 91 -13.72 -2.67 10.64
N ALA B 92 -14.87 -3.32 10.53
CA ALA B 92 -15.08 -4.42 9.59
C ALA B 92 -16.50 -4.33 9.05
N VAL B 93 -16.92 -5.41 8.39
CA VAL B 93 -18.32 -5.64 8.08
C VAL B 93 -18.79 -6.77 8.99
N TYR B 94 -20.03 -6.67 9.46
CA TYR B 94 -20.59 -7.65 10.37
C TYR B 94 -21.82 -8.30 9.74
N TYR B 95 -21.90 -9.62 9.82
CA TYR B 95 -23.02 -10.38 9.28
C TYR B 95 -23.62 -11.22 10.40
N CYS B 96 -24.95 -11.27 10.44
CA CYS B 96 -25.65 -12.30 11.19
C CYS B 96 -26.16 -13.39 10.25
N GLN B 97 -26.37 -14.57 10.81
CA GLN B 97 -26.71 -15.73 10.01
C GLN B 97 -27.76 -16.57 10.73
N ASN B 98 -28.81 -16.93 10.01
CA ASN B 98 -29.68 -18.02 10.42
C ASN B 98 -28.87 -19.32 10.47
N ASP B 99 -28.57 -19.80 11.67
CA ASP B 99 -27.86 -21.06 11.86
C ASP B 99 -28.83 -22.17 12.28
N HIS B 100 -30.11 -22.02 11.94
CA HIS B 100 -31.18 -22.79 12.54
C HIS B 100 -31.88 -23.72 11.55
N ARG B 101 -32.31 -23.21 10.41
CA ARG B 101 -33.08 -23.99 9.46
C ARG B 101 -32.54 -23.86 8.05
N TYR B 102 -32.58 -24.97 7.31
CA TYR B 102 -32.23 -24.97 5.89
C TYR B 102 -33.32 -24.29 5.09
N PRO B 103 -32.97 -23.36 4.18
CA PRO B 103 -31.59 -23.00 3.87
C PRO B 103 -31.01 -21.97 4.81
N LEU B 104 -29.74 -22.15 5.13
CA LEU B 104 -29.02 -21.17 5.94
C LEU B 104 -28.92 -19.86 5.18
N THR B 105 -29.23 -18.75 5.84
CA THR B 105 -29.30 -17.45 5.17
C THR B 105 -28.52 -16.40 5.94
N PHE B 106 -28.08 -15.38 5.23
CA PHE B 106 -27.18 -14.39 5.77
C PHE B 106 -27.82 -13.01 5.69
N GLY B 107 -27.46 -12.16 6.64
CA GLY B 107 -27.78 -10.76 6.49
C GLY B 107 -26.91 -10.12 5.42
N ALA B 108 -27.34 -8.94 4.98
CA ALA B 108 -26.56 -8.20 4.00
C ALA B 108 -25.34 -7.52 4.61
N GLY B 109 -25.34 -7.29 5.93
CA GLY B 109 -24.17 -6.72 6.56
C GLY B 109 -24.38 -5.36 7.19
N THR B 110 -23.44 -4.98 8.06
CA THR B 110 -23.41 -3.67 8.69
C THR B 110 -21.94 -3.26 8.71
N LYS B 111 -21.60 -2.21 7.95
CA LYS B 111 -20.21 -1.79 7.79
C LYS B 111 -19.89 -0.69 8.80
N LEU B 112 -18.84 -0.91 9.60
CA LEU B 112 -18.34 0.09 10.54
C LEU B 112 -17.33 0.99 9.83
N GLU B 113 -17.84 1.87 8.98
CA GLU B 113 -17.02 2.89 8.35
C GLU B 113 -16.74 4.01 9.36
N LEU B 114 -15.48 4.24 9.66
CA LEU B 114 -15.09 5.37 10.50
C LEU B 114 -15.29 6.69 9.76
N LYS B 115 -15.69 7.73 10.49
CA LYS B 115 -15.95 9.04 9.89
C LYS B 115 -14.85 10.04 10.29
N ARG B 116 -14.42 10.83 9.30
CA ARG B 116 -13.25 11.73 9.31
C ARG B 116 -11.96 10.96 9.03
N LEU B 123 -9.12 12.79 15.59
CA LEU B 123 -8.37 11.56 15.30
C LEU B 123 -7.30 11.32 16.35
N LYS B 124 -6.87 12.39 17.03
CA LYS B 124 -5.90 12.25 18.09
C LYS B 124 -6.44 11.48 19.29
N SER B 125 -7.76 11.26 19.36
CA SER B 125 -8.34 10.46 20.43
C SER B 125 -7.91 9.00 20.38
N TRP B 126 -7.40 8.56 19.24
CA TRP B 126 -6.93 7.19 19.07
C TRP B 126 -5.50 7.05 19.59
N THR B 127 -5.17 5.84 20.04
CA THR B 127 -3.79 5.58 20.40
C THR B 127 -2.92 5.54 19.16
N VAL B 128 -1.61 5.44 19.38
CA VAL B 128 -0.68 5.27 18.26
C VAL B 128 -0.89 3.91 17.62
N GLU B 129 -1.09 2.86 18.42
CA GLU B 129 -1.33 1.55 17.85
C GLU B 129 -2.67 1.46 17.11
N ASP B 130 -3.67 2.25 17.52
CA ASP B 130 -4.95 2.17 16.81
C ASP B 130 -4.86 2.84 15.44
N LEU B 131 -4.07 3.92 15.34
CA LEU B 131 -3.91 4.57 14.04
C LEU B 131 -3.01 3.74 13.13
N GLN B 132 -2.06 3.01 13.71
CA GLN B 132 -1.23 2.14 12.90
C GLN B 132 -2.03 0.97 12.33
N LYS B 133 -2.88 0.36 13.17
CA LYS B 133 -3.70 -0.76 12.70
C LYS B 133 -4.68 -0.32 11.62
N ARG B 134 -5.26 0.87 11.75
CA ARG B 134 -6.20 1.32 10.74
C ARG B 134 -5.48 1.63 9.45
N LEU B 135 -4.26 2.16 9.54
CA LEU B 135 -3.47 2.36 8.33
C LEU B 135 -3.12 1.04 7.67
N LEU B 136 -2.67 0.05 8.46
CA LEU B 136 -2.37 -1.25 7.88
C LEU B 136 -3.60 -1.96 7.36
N ALA B 137 -4.79 -1.57 7.83
CA ALA B 137 -6.04 -2.16 7.36
C ALA B 137 -6.47 -1.63 5.99
N LEU B 138 -6.03 -0.42 5.62
CA LEU B 138 -6.39 0.15 4.33
C LEU B 138 -5.70 -0.54 3.17
N ASP B 139 -4.54 -1.19 3.41
CA ASP B 139 -3.84 -1.84 2.31
C ASP B 139 -4.58 -3.05 1.77
N PRO B 140 -5.05 -4.00 2.58
CA PRO B 140 -5.88 -5.08 2.02
C PRO B 140 -7.20 -4.57 1.50
N MET B 141 -7.70 -3.46 2.06
CA MET B 141 -8.92 -2.83 1.55
C MET B 141 -8.71 -2.32 0.12
N MET B 142 -7.63 -1.57 -0.10
CA MET B 142 -7.28 -1.10 -1.42
C MET B 142 -7.03 -2.27 -2.37
N GLU B 143 -6.31 -3.28 -1.90
CA GLU B 143 -5.98 -4.42 -2.76
C GLU B 143 -7.24 -5.12 -3.26
N GLN B 144 -8.33 -5.06 -2.51
CA GLN B 144 -9.55 -5.71 -2.96
C GLN B 144 -10.10 -5.02 -4.20
N GLU B 145 -10.25 -3.69 -4.15
CA GLU B 145 -10.71 -2.94 -5.30
C GLU B 145 -9.79 -3.13 -6.50
N ILE B 146 -8.47 -3.00 -6.27
CA ILE B 146 -7.50 -3.11 -7.36
C ILE B 146 -7.56 -4.49 -7.98
N GLU B 147 -7.51 -5.52 -7.15
CA GLU B 147 -7.60 -6.89 -7.65
C GLU B 147 -8.84 -7.11 -8.50
N GLU B 148 -9.91 -6.40 -8.18
CA GLU B 148 -11.14 -6.52 -8.97
C GLU B 148 -10.97 -5.89 -10.36
N ILE B 149 -10.29 -4.75 -10.43
CA ILE B 149 -9.92 -4.17 -11.73
C ILE B 149 -9.17 -5.18 -12.57
N ARG B 150 -8.15 -5.80 -11.98
CA ARG B 150 -7.35 -6.76 -12.72
C ARG B 150 -8.18 -7.93 -13.22
N GLN B 151 -9.16 -8.37 -12.42
CA GLN B 151 -10.07 -9.41 -12.87
C GLN B 151 -10.82 -8.96 -14.11
N LYS B 152 -11.50 -7.81 -14.02
CA LYS B 152 -12.28 -7.32 -15.16
C LYS B 152 -11.42 -7.22 -16.40
N TYR B 153 -10.21 -6.67 -16.27
CA TYR B 153 -9.36 -6.49 -17.44
C TYR B 153 -8.70 -7.78 -17.88
N GLN B 154 -8.55 -8.77 -16.99
CA GLN B 154 -8.01 -10.05 -17.42
C GLN B 154 -8.99 -10.77 -18.35
N CYS B 155 -10.29 -10.56 -18.17
CA CYS B 155 -11.25 -11.18 -19.08
C CYS B 155 -11.20 -10.52 -20.45
N LYS B 156 -11.19 -9.19 -20.49
CA LYS B 156 -11.22 -8.51 -21.77
C LYS B 156 -10.04 -8.91 -22.65
N ARG B 157 -8.94 -9.36 -22.05
CA ARG B 157 -7.77 -9.74 -22.83
C ARG B 157 -7.91 -11.12 -23.47
N GLN B 158 -8.68 -12.01 -22.85
CA GLN B 158 -8.69 -13.42 -23.28
C GLN B 158 -9.15 -13.59 -24.72
N PRO B 159 -10.34 -13.16 -25.13
CA PRO B 159 -10.73 -13.36 -26.53
C PRO B 159 -9.80 -12.70 -27.50
N ILE B 160 -9.20 -11.56 -27.11
CA ILE B 160 -8.22 -10.89 -27.94
C ILE B 160 -7.00 -11.78 -28.15
N LEU B 161 -6.50 -12.36 -27.06
CA LEU B 161 -5.35 -13.24 -27.16
C LEU B 161 -5.66 -14.45 -28.03
N ASP B 162 -6.74 -15.17 -27.72
CA ASP B 162 -7.09 -16.34 -28.53
C ASP B 162 -7.26 -15.98 -29.99
N ALA B 163 -7.77 -14.79 -30.28
CA ALA B 163 -8.00 -14.41 -31.68
C ALA B 163 -6.69 -14.19 -32.42
N ILE B 164 -5.63 -13.77 -31.72
CA ILE B 164 -4.38 -13.49 -32.40
C ILE B 164 -3.77 -14.77 -32.94
N GLU B 165 -3.74 -15.82 -32.12
CA GLU B 165 -3.28 -17.12 -32.60
C GLU B 165 -4.40 -17.96 -33.20
N ALA B 166 -5.62 -17.40 -33.30
CA ALA B 166 -6.78 -18.07 -33.88
C ALA B 166 -7.14 -19.34 -33.12
N HIS C 1 -28.29 -35.87 10.05
CA HIS C 1 -27.48 -35.23 9.03
C HIS C 1 -26.61 -34.13 9.65
N HIS C 2 -27.21 -33.33 10.52
CA HIS C 2 -26.55 -32.21 11.18
C HIS C 2 -26.88 -32.20 12.67
N HIS C 3 -26.12 -31.41 13.41
CA HIS C 3 -26.35 -31.28 14.85
C HIS C 3 -27.68 -30.60 15.16
N HIS C 4 -28.10 -29.61 14.35
CA HIS C 4 -29.35 -28.92 14.65
C HIS C 4 -29.99 -28.23 13.44
N HIS C 5 -29.26 -28.15 12.33
CA HIS C 5 -29.85 -27.66 11.09
C HIS C 5 -30.87 -28.67 10.59
N HIS C 6 -31.98 -28.18 10.05
CA HIS C 6 -33.09 -29.06 9.69
C HIS C 6 -34.06 -28.41 8.71
N GLU D 3 1.36 26.75 7.68
CA GLU D 3 2.63 26.06 7.87
C GLU D 3 3.41 25.98 6.56
N VAL D 4 4.74 25.85 6.67
CA VAL D 4 5.63 25.93 5.53
C VAL D 4 5.35 24.80 4.55
N GLN D 5 5.21 25.15 3.27
CA GLN D 5 5.02 24.17 2.20
C GLN D 5 5.82 24.60 0.98
N LEU D 6 6.44 23.62 0.33
CA LEU D 6 7.05 23.80 -0.97
C LEU D 6 6.50 22.72 -1.89
N GLN D 7 6.02 23.13 -3.06
CA GLN D 7 5.37 22.21 -4.00
C GLN D 7 6.05 22.31 -5.35
N GLN D 8 6.50 21.16 -5.86
CA GLN D 8 7.23 21.09 -7.12
C GLN D 8 6.42 20.31 -8.15
N PHE D 9 6.16 20.92 -9.30
CA PHE D 9 5.62 20.24 -10.47
C PHE D 9 6.45 20.67 -11.68
N GLY D 10 6.42 19.81 -12.71
CA GLY D 10 7.12 20.10 -13.94
C GLY D 10 7.22 18.83 -14.77
N ALA D 11 7.72 19.00 -15.98
CA ALA D 11 7.94 17.86 -16.87
C ALA D 11 8.92 16.88 -16.23
N GLU D 12 8.56 15.59 -16.25
CA GLU D 12 9.42 14.56 -15.69
C GLU D 12 10.12 13.71 -16.74
N LEU D 13 9.55 13.58 -17.94
CA LEU D 13 10.18 12.86 -19.04
C LEU D 13 10.65 13.89 -20.05
N VAL D 14 11.95 13.86 -20.38
CA VAL D 14 12.52 14.89 -21.26
C VAL D 14 13.34 14.22 -22.37
N LYS D 15 13.34 14.88 -23.54
CA LYS D 15 14.15 14.45 -24.66
C LYS D 15 15.58 14.95 -24.50
N PRO D 16 16.56 14.18 -24.97
CA PRO D 16 17.95 14.62 -24.88
C PRO D 16 18.17 15.89 -25.69
N GLY D 17 18.85 16.85 -25.08
CA GLY D 17 19.07 18.13 -25.72
C GLY D 17 17.94 19.13 -25.57
N ALA D 18 16.91 18.80 -24.79
CA ALA D 18 15.76 19.68 -24.62
C ALA D 18 16.01 20.62 -23.44
N SER D 19 14.95 21.26 -22.95
CA SER D 19 15.03 22.06 -21.74
C SER D 19 13.80 21.77 -20.90
N VAL D 20 13.97 21.84 -19.59
CA VAL D 20 12.87 21.61 -18.65
C VAL D 20 12.89 22.72 -17.60
N LYS D 21 11.71 23.26 -17.29
CA LYS D 21 11.54 24.34 -16.32
C LYS D 21 10.86 23.76 -15.08
N ILE D 22 11.61 23.65 -13.99
CA ILE D 22 11.10 23.14 -12.72
C ILE D 22 10.67 24.32 -11.86
N SER D 23 9.49 24.22 -11.29
CA SER D 23 8.95 25.29 -10.46
C SER D 23 8.78 24.82 -9.02
N CYS D 24 8.94 25.76 -8.09
CA CYS D 24 8.86 25.51 -6.66
C CYS D 24 8.04 26.63 -6.06
N LYS D 25 6.77 26.35 -5.71
CA LYS D 25 5.87 27.34 -5.16
C LYS D 25 5.90 27.27 -3.63
N ALA D 26 6.30 28.37 -2.99
CA ALA D 26 6.40 28.43 -1.54
C ALA D 26 5.06 28.86 -0.93
N SER D 27 4.87 28.50 0.35
CA SER D 27 3.72 28.96 1.12
C SER D 27 3.96 28.65 2.59
N GLY D 28 3.44 29.53 3.45
CA GLY D 28 3.53 29.36 4.88
C GLY D 28 4.63 30.14 5.56
N TYR D 29 5.26 31.09 4.86
CA TYR D 29 6.30 31.92 5.45
C TYR D 29 6.49 33.14 4.56
N THR D 30 7.12 34.18 5.12
CA THR D 30 7.51 35.32 4.31
C THR D 30 8.59 34.87 3.33
N PHE D 31 8.26 34.89 2.04
CA PHE D 31 9.09 34.25 1.02
C PHE D 31 10.40 35.01 0.79
N THR D 32 10.41 36.31 1.09
CA THR D 32 11.55 37.19 0.88
C THR D 32 12.56 37.17 2.01
N ASP D 33 12.31 36.42 3.09
CA ASP D 33 13.26 36.32 4.18
C ASP D 33 14.22 35.15 4.04
N TYR D 34 14.09 34.34 2.98
CA TYR D 34 14.93 33.18 2.78
C TYR D 34 15.40 33.12 1.34
N ASN D 35 16.58 32.52 1.15
CA ASN D 35 17.02 32.09 -0.17
C ASN D 35 16.50 30.69 -0.44
N MET D 36 16.26 30.41 -1.72
CA MET D 36 15.90 29.06 -2.16
C MET D 36 17.13 28.38 -2.71
N ASP D 37 17.47 27.22 -2.13
CA ASP D 37 18.53 26.33 -2.61
C ASP D 37 17.96 25.35 -3.65
N TRP D 38 18.85 24.83 -4.48
CA TRP D 38 18.48 23.76 -5.41
C TRP D 38 19.50 22.64 -5.31
N VAL D 39 19.01 21.40 -5.28
CA VAL D 39 19.83 20.24 -4.97
C VAL D 39 19.49 19.10 -5.93
N LYS D 40 20.53 18.42 -6.42
CA LYS D 40 20.40 17.26 -7.31
C LYS D 40 20.77 16.00 -6.56
N GLN D 41 19.97 14.94 -6.75
CA GLN D 41 20.30 13.63 -6.18
C GLN D 41 20.25 12.57 -7.27
N SER D 42 21.39 11.93 -7.53
CA SER D 42 21.48 10.83 -8.48
C SER D 42 21.21 9.51 -7.80
N HIS D 43 20.55 8.59 -8.52
CA HIS D 43 20.20 7.28 -7.98
C HIS D 43 21.46 6.48 -7.69
N SER D 46 24.32 10.42 -4.13
CA SER D 46 24.31 11.46 -3.11
C SER D 46 23.87 12.81 -3.66
N LEU D 47 23.86 13.82 -2.77
CA LEU D 47 23.32 15.13 -3.06
C LEU D 47 24.38 16.08 -3.60
N GLU D 48 24.06 16.76 -4.71
CA GLU D 48 24.85 17.85 -5.26
C GLU D 48 24.06 19.15 -5.12
N TRP D 49 24.68 20.17 -4.54
CA TRP D 49 24.03 21.46 -4.50
C TRP D 49 24.30 22.17 -5.82
N ILE D 50 23.24 22.68 -6.45
CA ILE D 50 23.38 23.33 -7.74
C ILE D 50 23.61 24.83 -7.61
N GLY D 51 22.85 25.49 -6.74
CA GLY D 51 22.88 26.93 -6.64
C GLY D 51 21.77 27.42 -5.74
N ASP D 52 21.76 28.74 -5.51
CA ASP D 52 20.67 29.34 -4.76
C ASP D 52 20.37 30.72 -5.32
N ILE D 53 19.25 31.29 -4.87
CA ILE D 53 18.79 32.56 -5.38
C ILE D 53 18.12 33.33 -4.25
N ASN D 54 18.47 34.59 -4.15
CA ASN D 54 17.86 35.52 -3.21
C ASN D 54 16.63 36.16 -3.84
N PRO D 55 15.47 36.16 -3.18
CA PRO D 55 14.28 36.76 -3.80
C PRO D 55 14.33 38.29 -3.87
N ASN D 56 14.95 38.95 -2.89
CA ASN D 56 14.99 40.41 -2.89
C ASN D 56 15.73 40.94 -4.12
N TYR D 57 16.94 40.44 -4.34
CA TYR D 57 17.85 41.05 -5.29
C TYR D 57 17.95 40.29 -6.60
N ASP D 58 17.19 39.19 -6.75
CA ASP D 58 17.31 38.32 -7.91
C ASP D 58 18.78 38.02 -8.20
N SER D 59 19.51 37.73 -7.13
CA SER D 59 20.94 37.45 -7.19
C SER D 59 21.16 35.95 -6.95
N THR D 60 22.19 35.41 -7.59
CA THR D 60 22.38 33.97 -7.61
C THR D 60 23.84 33.64 -7.35
N VAL D 61 24.04 32.45 -6.77
CA VAL D 61 25.36 31.83 -6.69
C VAL D 61 25.20 30.39 -7.16
N TYR D 62 26.06 29.97 -8.08
CA TYR D 62 25.98 28.65 -8.68
C TYR D 62 27.16 27.80 -8.25
N ASN D 63 26.92 26.51 -8.11
CA ASN D 63 28.03 25.56 -8.12
C ASN D 63 28.69 25.63 -9.49
N GLN D 64 30.02 25.65 -9.52
CA GLN D 64 30.73 25.76 -10.78
C GLN D 64 30.31 24.64 -11.74
N LYS D 65 30.10 23.44 -11.20
CA LYS D 65 29.81 22.26 -12.02
C LYS D 65 28.49 22.35 -12.76
N PHE D 66 27.60 23.25 -12.36
CA PHE D 66 26.29 23.38 -13.01
C PHE D 66 26.10 24.71 -13.72
N LYS D 67 27.12 25.57 -13.73
CA LYS D 67 26.99 26.86 -14.39
C LYS D 67 26.75 26.64 -15.88
N GLY D 68 25.72 27.28 -16.42
CA GLY D 68 25.29 27.07 -17.78
C GLY D 68 24.30 25.94 -17.96
N LYS D 69 24.40 24.89 -17.15
CA LYS D 69 23.40 23.83 -17.17
C LYS D 69 22.10 24.25 -16.49
N ALA D 70 22.17 25.16 -15.52
CA ALA D 70 21.01 25.54 -14.73
C ALA D 70 20.91 27.06 -14.62
N THR D 71 19.66 27.54 -14.61
CA THR D 71 19.37 28.96 -14.43
C THR D 71 18.29 29.09 -13.37
N LEU D 72 18.48 30.01 -12.44
CA LEU D 72 17.53 30.24 -11.36
C LEU D 72 16.83 31.59 -11.55
N THR D 73 15.51 31.58 -11.47
CA THR D 73 14.71 32.79 -11.44
C THR D 73 13.64 32.62 -10.37
N VAL D 74 13.14 33.75 -9.85
CA VAL D 74 12.03 33.72 -8.90
C VAL D 74 10.98 34.72 -9.32
N ASP D 75 9.76 34.49 -8.84
CA ASP D 75 8.64 35.40 -9.04
C ASP D 75 8.14 35.76 -7.64
N LYS D 76 8.59 36.91 -7.13
CA LYS D 76 8.23 37.34 -5.79
C LYS D 76 6.72 37.56 -5.64
N SER D 77 6.06 37.98 -6.72
CA SER D 77 4.62 38.20 -6.67
C SER D 77 3.86 36.90 -6.44
N SER D 78 4.29 35.81 -7.07
CA SER D 78 3.66 34.50 -6.92
C SER D 78 4.39 33.59 -5.95
N SER D 79 5.46 34.08 -5.32
CA SER D 79 6.26 33.30 -4.36
C SER D 79 6.65 31.94 -4.94
N THR D 80 7.20 31.96 -6.15
CA THR D 80 7.61 30.74 -6.84
C THR D 80 9.02 30.88 -7.39
N ALA D 81 9.85 29.87 -7.12
CA ALA D 81 11.22 29.80 -7.61
C ALA D 81 11.30 28.82 -8.78
N TYR D 82 12.04 29.21 -9.82
CA TYR D 82 12.20 28.40 -11.01
C TYR D 82 13.65 27.99 -11.18
N MET D 83 13.84 26.76 -11.68
CA MET D 83 15.14 26.29 -12.14
C MET D 83 14.95 25.68 -13.52
N GLU D 84 15.80 26.07 -14.47
CA GLU D 84 15.71 25.58 -15.83
C GLU D 84 16.99 24.88 -16.21
N LEU D 85 16.87 23.66 -16.70
CA LEU D 85 18.00 22.88 -17.17
C LEU D 85 18.01 22.90 -18.70
N ARG D 86 19.11 23.38 -19.27
CA ARG D 86 19.29 23.44 -20.71
C ARG D 86 20.14 22.26 -21.18
N SER D 87 19.92 21.87 -22.44
CA SER D 87 20.70 20.83 -23.12
C SER D 87 20.88 19.59 -22.23
N LEU D 88 19.75 18.94 -21.95
CA LEU D 88 19.76 17.78 -21.07
C LEU D 88 20.49 16.62 -21.72
N THR D 89 21.25 15.88 -20.90
CA THR D 89 21.88 14.63 -21.32
C THR D 89 21.49 13.54 -20.34
N SER D 90 21.89 12.31 -20.66
CA SER D 90 21.61 11.19 -19.77
C SER D 90 22.13 11.46 -18.36
N GLU D 91 23.21 12.23 -18.25
CA GLU D 91 23.78 12.54 -16.94
C GLU D 91 22.83 13.37 -16.08
N ASP D 92 21.94 14.15 -16.70
CA ASP D 92 21.05 15.02 -15.95
C ASP D 92 19.86 14.27 -15.37
N THR D 93 19.74 12.97 -15.59
CA THR D 93 18.66 12.23 -14.99
C THR D 93 18.88 12.12 -13.48
N ALA D 94 17.90 12.62 -12.71
CA ALA D 94 18.00 12.69 -11.25
C ALA D 94 16.76 13.32 -10.63
N ILE D 95 16.73 13.41 -9.30
CA ILE D 95 15.69 14.10 -8.58
C ILE D 95 16.22 15.47 -8.17
N TYR D 96 15.46 16.51 -8.48
CA TYR D 96 15.85 17.88 -8.21
C TYR D 96 14.94 18.44 -7.13
N TYR D 97 15.54 18.93 -6.05
CA TYR D 97 14.84 19.53 -4.90
C TYR D 97 15.04 21.04 -4.87
N CYS D 98 13.99 21.76 -4.50
CA CYS D 98 14.19 23.09 -3.95
C CYS D 98 14.13 22.97 -2.43
N ALA D 99 14.78 23.93 -1.75
CA ALA D 99 14.79 23.96 -0.31
C ALA D 99 15.01 25.39 0.14
N ARG D 100 14.35 25.77 1.22
CA ARG D 100 14.56 27.10 1.75
C ARG D 100 15.75 27.08 2.71
N ASP D 101 16.57 28.13 2.61
CA ASP D 101 17.84 28.24 3.32
C ASP D 101 17.92 29.66 3.89
N GLY D 102 17.76 29.78 5.20
CA GLY D 102 17.89 31.07 5.85
C GLY D 102 19.10 31.15 6.76
N ALA D 103 18.93 30.86 8.04
CA ALA D 103 20.02 30.84 8.99
C ALA D 103 20.24 29.46 9.58
N TYR D 104 19.37 28.51 9.29
CA TYR D 104 19.36 27.19 9.89
C TYR D 104 19.37 26.12 8.84
N ALA D 105 20.24 26.31 7.85
CA ALA D 105 20.49 25.35 6.77
C ALA D 105 19.19 25.16 5.99
N MET D 106 19.07 23.99 5.34
CA MET D 106 17.91 23.70 4.51
C MET D 106 16.85 23.05 5.38
N ASP D 107 16.07 23.90 6.05
CA ASP D 107 15.16 23.44 7.08
C ASP D 107 13.79 23.04 6.54
N HIS D 108 13.48 23.36 5.28
CA HIS D 108 12.26 22.87 4.66
C HIS D 108 12.53 22.55 3.20
N TRP D 109 12.11 21.36 2.77
CA TRP D 109 12.39 20.84 1.45
C TRP D 109 11.11 20.67 0.65
N GLY D 110 11.20 20.93 -0.66
CA GLY D 110 10.17 20.50 -1.56
C GLY D 110 10.18 18.99 -1.76
N GLN D 111 9.09 18.47 -2.32
CA GLN D 111 8.96 17.01 -2.45
C GLN D 111 9.90 16.42 -3.50
N GLY D 112 10.56 17.25 -4.29
CA GLY D 112 11.46 16.76 -5.33
C GLY D 112 10.76 16.46 -6.64
N THR D 113 11.43 16.75 -7.75
CA THR D 113 10.92 16.46 -9.09
C THR D 113 11.86 15.50 -9.79
N SER D 114 11.32 14.38 -10.26
CA SER D 114 12.16 13.36 -10.90
C SER D 114 12.22 13.64 -12.40
N VAL D 115 13.43 13.87 -12.90
CA VAL D 115 13.67 14.16 -14.31
C VAL D 115 14.45 13.00 -14.92
N THR D 116 13.90 12.42 -15.98
CA THR D 116 14.54 11.32 -16.70
C THR D 116 14.72 11.73 -18.15
N VAL D 117 15.96 11.69 -18.61
CA VAL D 117 16.31 12.03 -19.99
C VAL D 117 16.21 10.74 -20.81
N CYS D 118 15.23 10.68 -21.71
CA CYS D 118 14.86 9.46 -22.39
C CYS D 118 15.31 9.53 -23.84
N SER D 119 16.20 8.61 -24.24
CA SER D 119 16.70 8.59 -25.61
C SER D 119 15.65 8.05 -26.57
N SER D 121 16.62 7.40 -29.71
CA SER D 121 17.75 6.95 -30.52
C SER D 121 17.40 5.68 -31.30
N ASP D 122 16.54 4.85 -30.71
CA ASP D 122 16.04 3.66 -31.39
C ASP D 122 15.02 3.98 -32.46
N TYR D 123 14.40 5.17 -32.40
CA TYR D 123 13.45 5.54 -33.44
C TYR D 123 14.10 5.56 -34.82
N GLU D 124 15.43 5.69 -34.87
CA GLU D 124 16.14 5.78 -36.15
C GLU D 124 15.94 4.53 -36.99
N PHE D 125 16.02 3.34 -36.37
CA PHE D 125 15.79 2.11 -37.13
C PHE D 125 14.36 1.60 -37.02
N LEU D 126 13.59 2.08 -36.04
CA LEU D 126 12.18 1.72 -35.92
C LEU D 126 11.30 2.44 -36.93
N LYS D 127 11.80 3.53 -37.54
CA LYS D 127 11.10 4.16 -38.66
C LYS D 127 10.66 3.11 -39.67
N SER D 128 11.61 2.29 -40.13
CA SER D 128 11.38 1.35 -41.21
C SER D 128 10.40 0.23 -40.85
N TRP D 129 10.26 -0.11 -39.56
CA TRP D 129 9.56 -1.33 -39.17
C TRP D 129 8.07 -1.28 -39.51
N THR D 130 7.51 -2.47 -39.74
CA THR D 130 6.06 -2.60 -39.89
C THR D 130 5.36 -2.31 -38.57
N VAL D 131 4.09 -1.94 -38.66
CA VAL D 131 3.38 -1.57 -37.45
C VAL D 131 3.08 -2.80 -36.59
N GLU D 132 2.80 -3.95 -37.22
CA GLU D 132 2.62 -5.18 -36.45
C GLU D 132 3.85 -5.48 -35.61
N ASP D 133 5.04 -5.26 -36.18
CA ASP D 133 6.27 -5.52 -35.43
C ASP D 133 6.47 -4.48 -34.34
N LEU D 134 6.24 -3.21 -34.67
CA LEU D 134 6.33 -2.17 -33.65
C LEU D 134 5.37 -2.44 -32.51
N GLN D 135 4.15 -2.89 -32.82
CA GLN D 135 3.21 -3.22 -31.77
C GLN D 135 3.72 -4.36 -30.90
N LYS D 136 4.32 -5.39 -31.50
CA LYS D 136 4.79 -6.52 -30.72
C LYS D 136 5.93 -6.11 -29.78
N ARG D 137 6.82 -5.23 -30.25
CA ARG D 137 7.88 -4.70 -29.38
C ARG D 137 7.28 -3.99 -28.18
N LEU D 138 6.27 -3.17 -28.42
CA LEU D 138 5.61 -2.44 -27.35
C LEU D 138 4.84 -3.39 -26.42
N LEU D 139 4.17 -4.39 -26.99
CA LEU D 139 3.45 -5.35 -26.16
C LEU D 139 4.39 -6.21 -25.34
N ALA D 140 5.62 -6.41 -25.79
CA ALA D 140 6.54 -7.24 -25.05
C ALA D 140 7.16 -6.50 -23.85
N LEU D 141 7.00 -5.17 -23.80
CA LEU D 141 7.44 -4.40 -22.64
C LEU D 141 6.53 -4.61 -21.45
N ASP D 142 5.29 -4.98 -21.69
CA ASP D 142 4.35 -5.11 -20.59
C ASP D 142 4.72 -6.28 -19.67
N PRO D 143 5.06 -7.48 -20.20
CA PRO D 143 5.47 -8.54 -19.28
C PRO D 143 6.75 -8.24 -18.53
N MET D 144 7.70 -7.54 -19.16
CA MET D 144 8.93 -7.19 -18.46
C MET D 144 8.67 -6.26 -17.28
N MET D 145 7.84 -5.23 -17.49
CA MET D 145 7.54 -4.34 -16.39
C MET D 145 6.83 -5.09 -15.28
N GLU D 146 5.83 -5.90 -15.63
CA GLU D 146 5.11 -6.70 -14.64
C GLU D 146 6.06 -7.56 -13.83
N GLN D 147 7.08 -8.14 -14.47
CA GLN D 147 8.01 -8.99 -13.75
C GLN D 147 8.83 -8.17 -12.77
N GLU D 148 9.26 -6.98 -13.18
CA GLU D 148 10.01 -6.12 -12.26
C GLU D 148 9.15 -5.66 -11.09
N ILE D 149 7.93 -5.22 -11.37
CA ILE D 149 7.06 -4.81 -10.27
C ILE D 149 6.76 -6.00 -9.36
N GLU D 150 6.58 -7.18 -9.95
CA GLU D 150 6.25 -8.34 -9.14
C GLU D 150 7.44 -8.81 -8.30
N GLU D 151 8.67 -8.59 -8.77
CA GLU D 151 9.82 -8.83 -7.91
C GLU D 151 9.78 -7.93 -6.69
N ILE D 152 9.41 -6.67 -6.89
CA ILE D 152 9.42 -5.72 -5.81
C ILE D 152 8.33 -6.02 -4.80
N ARG D 153 7.12 -6.32 -5.29
CA ARG D 153 6.05 -6.75 -4.40
C ARG D 153 6.47 -7.94 -3.55
N GLN D 154 7.05 -8.96 -4.19
CA GLN D 154 7.49 -10.14 -3.43
C GLN D 154 8.60 -9.78 -2.45
N LYS D 155 9.53 -8.91 -2.86
CA LYS D 155 10.64 -8.57 -2.00
C LYS D 155 10.16 -7.94 -0.70
N TYR D 156 9.19 -7.04 -0.79
CA TYR D 156 8.69 -6.41 0.43
C TYR D 156 7.80 -7.34 1.22
N GLN D 157 6.94 -8.09 0.54
CA GLN D 157 6.15 -9.13 1.22
C GLN D 157 7.05 -10.08 1.98
N SER D 158 8.27 -10.30 1.51
CA SER D 158 9.22 -11.16 2.19
C SER D 158 9.82 -10.49 3.41
N LYS D 159 9.99 -9.17 3.36
CA LYS D 159 10.51 -8.44 4.52
C LYS D 159 9.43 -8.22 5.57
N ARG D 160 8.16 -8.19 5.17
CA ARG D 160 7.12 -7.93 6.15
C ARG D 160 6.57 -9.22 6.76
N GLN D 161 6.76 -10.37 6.12
CA GLN D 161 6.33 -11.63 6.73
C GLN D 161 6.94 -11.88 8.10
N PRO D 162 8.24 -11.70 8.33
CA PRO D 162 8.75 -11.94 9.69
C PRO D 162 8.17 -10.98 10.73
N ILE D 163 7.91 -9.74 10.33
CA ILE D 163 7.33 -8.78 11.26
C ILE D 163 5.92 -9.20 11.66
N LEU D 164 5.09 -9.49 10.66
CA LEU D 164 3.72 -9.91 10.93
C LEU D 164 3.67 -11.14 11.82
N ASP D 165 4.66 -12.02 11.72
CA ASP D 165 4.69 -13.22 12.55
C ASP D 165 4.96 -12.87 14.01
N ALA D 166 5.97 -12.06 14.25
CA ALA D 166 6.24 -11.61 15.61
C ALA D 166 5.00 -10.93 16.20
N ILE D 167 4.27 -10.18 15.38
CA ILE D 167 3.05 -9.53 15.84
C ILE D 167 1.99 -10.56 16.20
N GLU D 168 1.90 -11.65 15.45
CA GLU D 168 0.92 -12.68 15.75
C GLU D 168 1.26 -13.41 17.05
N ALA D 169 2.56 -13.58 17.33
CA ALA D 169 2.98 -14.29 18.53
C ALA D 169 2.62 -13.51 19.80
N LYS D 170 2.77 -12.19 19.78
CA LYS D 170 2.49 -11.37 20.95
C LYS D 170 1.00 -11.22 21.20
N ARG E 2 39.31 26.83 -3.69
CA ARG E 2 39.17 25.38 -3.50
C ARG E 2 37.92 25.01 -2.71
N ASP E 3 37.25 23.92 -3.10
CA ASP E 3 36.01 23.50 -2.47
C ASP E 3 36.26 22.64 -1.23
N ILE E 4 35.23 22.53 -0.42
CA ILE E 4 35.25 21.70 0.78
C ILE E 4 34.74 20.32 0.42
N VAL E 5 35.41 19.31 0.95
CA VAL E 5 35.04 17.92 0.77
C VAL E 5 34.69 17.36 2.15
N MET E 6 33.51 16.74 2.26
CA MET E 6 33.01 16.16 3.51
C MET E 6 33.11 14.65 3.43
N THR E 7 33.83 14.03 4.36
CA THR E 7 34.08 12.59 4.31
C THR E 7 33.36 11.88 5.46
N GLN E 8 32.40 11.02 5.11
CA GLN E 8 31.58 10.30 6.06
C GLN E 8 32.01 8.84 6.18
N SER E 9 32.31 8.41 7.41
CA SER E 9 32.60 7.02 7.69
C SER E 9 31.83 6.64 8.95
N PRO E 10 31.30 5.41 9.02
CA PRO E 10 31.42 4.40 7.98
C PRO E 10 30.41 4.65 6.87
N SER E 11 30.63 4.06 5.68
CA SER E 11 29.65 4.18 4.62
C SER E 11 28.34 3.53 5.03
N SER E 12 28.41 2.37 5.68
CA SER E 12 27.23 1.69 6.20
C SER E 12 27.57 1.14 7.60
N LEU E 13 26.52 0.96 8.40
CA LEU E 13 26.68 0.61 9.82
C LEU E 13 25.50 -0.26 10.24
N SER E 14 25.75 -1.54 10.53
CA SER E 14 24.71 -2.49 10.91
C SER E 14 24.44 -2.37 12.41
N VAL E 15 23.20 -2.05 12.77
CA VAL E 15 22.82 -1.79 14.14
C VAL E 15 21.59 -2.61 14.51
N SER E 16 21.50 -2.96 15.79
CA SER E 16 20.33 -3.57 16.39
C SER E 16 19.67 -2.58 17.34
N ALA E 17 18.35 -2.75 17.51
CA ALA E 17 17.58 -1.78 18.28
C ALA E 17 18.10 -1.66 19.70
N GLY E 18 18.35 -0.41 20.11
CA GLY E 18 18.69 -0.11 21.49
C GLY E 18 20.12 0.32 21.75
N GLU E 19 21.03 0.20 20.78
CA GLU E 19 22.43 0.45 21.04
C GLU E 19 22.84 1.84 20.59
N LYS E 20 23.88 2.38 21.23
CA LYS E 20 24.41 3.68 20.88
C LYS E 20 25.22 3.57 19.60
N VAL E 21 25.09 4.57 18.73
CA VAL E 21 25.71 4.53 17.42
C VAL E 21 26.39 5.88 17.18
N THR E 22 27.42 5.87 16.32
CA THR E 22 28.26 7.03 16.11
C THR E 22 28.73 7.11 14.66
N MET E 23 28.58 8.28 14.05
CA MET E 23 29.05 8.52 12.70
C MET E 23 29.92 9.77 12.68
N SER E 24 31.04 9.69 11.98
CA SER E 24 31.97 10.80 11.88
C SER E 24 31.79 11.53 10.56
N CYS E 25 32.16 12.81 10.56
CA CYS E 25 32.04 13.67 9.39
C CYS E 25 33.16 14.70 9.50
N LYS E 26 34.18 14.57 8.66
CA LYS E 26 35.36 15.43 8.71
C LYS E 26 35.44 16.23 7.41
N SER E 27 35.46 17.55 7.53
CA SER E 27 35.50 18.41 6.36
C SER E 27 36.94 18.79 6.03
N SER E 28 37.17 19.11 4.76
CA SER E 28 38.51 19.44 4.29
C SER E 28 38.97 20.82 4.75
N GLN E 29 38.08 21.61 5.36
CA GLN E 29 38.41 22.92 5.87
C GLN E 29 37.66 23.13 7.17
N SER E 30 37.97 24.23 7.84
CA SER E 30 37.22 24.59 9.04
C SER E 30 35.83 25.04 8.64
N LEU E 31 34.84 24.66 9.45
CA LEU E 31 33.47 25.10 9.22
C LEU E 31 33.05 26.19 10.19
N LEU E 32 34.00 26.80 10.89
CA LEU E 32 33.71 27.75 11.95
C LEU E 32 33.67 29.18 11.41
N ASN E 33 32.51 29.81 11.49
CA ASN E 33 32.31 31.22 11.15
C ASN E 33 32.48 31.98 12.46
N SER E 34 33.68 32.51 12.70
CA SER E 34 33.90 33.21 13.96
C SER E 34 33.30 34.59 13.97
N GLY E 35 32.57 34.98 12.94
CA GLY E 35 31.81 36.21 13.02
C GLY E 35 30.54 35.93 13.81
N HIS E 36 29.96 34.76 13.57
CA HIS E 36 28.76 34.31 14.26
C HIS E 36 29.05 33.33 15.39
N GLN E 37 30.30 32.91 15.56
CA GLN E 37 30.70 31.93 16.56
C GLN E 37 29.88 30.63 16.45
N LYS E 38 29.82 30.10 15.24
CA LYS E 38 29.11 28.85 14.96
C LYS E 38 29.94 27.99 14.02
N ASN E 39 29.96 26.69 14.29
CA ASN E 39 30.40 25.70 13.31
C ASN E 39 29.20 25.38 12.44
N TYR E 40 29.21 25.89 11.21
CA TYR E 40 28.05 25.75 10.33
C TYR E 40 28.12 24.41 9.61
N LEU E 41 27.83 23.36 10.39
CA LEU E 41 27.69 21.99 9.91
C LEU E 41 26.26 21.55 10.19
N ALA E 42 25.69 20.79 9.26
CA ALA E 42 24.31 20.34 9.37
C ALA E 42 24.24 18.83 9.17
N TRP E 43 23.25 18.21 9.81
CA TRP E 43 22.98 16.79 9.64
C TRP E 43 21.58 16.62 9.07
N TYR E 44 21.43 15.68 8.15
CA TYR E 44 20.15 15.36 7.56
C TYR E 44 19.92 13.87 7.58
N GLN E 45 18.67 13.49 7.84
CA GLN E 45 18.19 12.11 7.80
C GLN E 45 17.25 11.95 6.63
N GLN E 46 17.51 10.98 5.75
CA GLN E 46 16.68 10.78 4.56
C GLN E 46 16.18 9.35 4.51
N LYS E 47 14.86 9.21 4.35
CA LYS E 47 14.24 7.91 4.16
C LYS E 47 13.77 7.75 2.72
N PRO E 48 13.77 6.52 2.21
CA PRO E 48 13.39 6.31 0.80
C PRO E 48 12.03 6.92 0.48
N GLY E 49 11.95 7.56 -0.69
CA GLY E 49 10.71 8.18 -1.13
C GLY E 49 10.42 9.52 -0.51
N GLN E 50 11.36 10.09 0.25
CA GLN E 50 11.15 11.35 0.95
C GLN E 50 12.37 12.23 0.73
N PRO E 51 12.21 13.55 0.81
CA PRO E 51 13.37 14.45 0.83
C PRO E 51 14.13 14.33 2.13
N PRO E 52 15.37 14.83 2.20
CA PRO E 52 16.08 14.83 3.48
C PRO E 52 15.37 15.72 4.48
N LYS E 53 15.39 15.28 5.73
CA LYS E 53 14.84 16.03 6.86
C LYS E 53 16.01 16.63 7.65
N LEU E 54 15.90 17.92 7.96
CA LEU E 54 16.90 18.56 8.80
C LEU E 54 16.82 18.04 10.22
N LEU E 55 17.95 17.59 10.75
CA LEU E 55 18.05 17.19 12.16
C LEU E 55 18.82 18.20 12.99
N ILE E 56 19.97 18.65 12.49
CA ILE E 56 20.86 19.52 13.26
C ILE E 56 21.40 20.61 12.35
N SER E 57 21.45 21.85 12.86
CA SER E 57 21.98 23.00 12.16
C SER E 57 22.88 23.78 13.11
N GLY E 58 24.00 24.29 12.59
CA GLY E 58 25.02 24.82 13.47
C GLY E 58 25.67 23.75 14.33
N ALA E 59 25.80 22.53 13.80
CA ALA E 59 26.49 21.40 14.44
C ALA E 59 25.88 20.89 15.76
N SER E 60 25.13 21.73 16.50
CA SER E 60 24.66 21.36 17.84
C SER E 60 23.16 21.41 18.02
N THR E 61 22.43 22.19 17.24
CA THR E 61 21.07 22.59 17.56
C THR E 61 20.07 21.72 16.83
N ARG E 62 19.24 21.00 17.59
CA ARG E 62 18.20 20.20 16.97
C ARG E 62 17.07 21.10 16.48
N GLU E 63 16.42 20.67 15.40
CA GLU E 63 15.23 21.35 14.93
C GLU E 63 14.02 20.89 15.74
N SER E 64 12.93 21.63 15.63
CA SER E 64 11.71 21.25 16.34
C SER E 64 11.25 19.89 15.85
N GLY E 65 11.04 18.97 16.78
CA GLY E 65 10.58 17.65 16.45
C GLY E 65 11.66 16.60 16.30
N VAL E 66 12.89 16.89 16.71
CA VAL E 66 13.98 15.94 16.67
C VAL E 66 14.19 15.37 18.08
N PRO E 67 14.18 14.05 18.26
CA PRO E 67 14.32 13.50 19.61
C PRO E 67 15.67 13.87 20.23
N ASP E 68 15.67 13.97 21.56
CA ASP E 68 16.88 14.25 22.30
C ASP E 68 17.88 13.10 22.27
N ARG E 69 17.47 11.91 21.80
CA ARG E 69 18.44 10.85 21.59
C ARG E 69 19.47 11.21 20.51
N PHE E 70 19.13 12.15 19.63
CA PHE E 70 20.06 12.68 18.62
C PHE E 70 20.85 13.82 19.23
N THR E 71 22.18 13.73 19.20
CA THR E 71 23.03 14.84 19.58
C THR E 71 24.16 15.02 18.59
N GLY E 72 24.43 16.26 18.23
CA GLY E 72 25.51 16.60 17.32
C GLY E 72 26.63 17.33 18.07
N SER E 73 27.86 16.94 17.77
CA SER E 73 29.03 17.52 18.42
C SER E 73 30.19 17.59 17.43
N GLY E 74 31.18 18.39 17.80
CA GLY E 74 32.34 18.62 16.96
C GLY E 74 32.63 20.10 16.80
N SER E 75 33.81 20.37 16.25
CA SER E 75 34.21 21.74 15.98
C SER E 75 35.36 21.73 15.00
N GLY E 76 35.35 22.69 14.08
CA GLY E 76 36.46 22.87 13.16
C GLY E 76 36.39 21.99 11.93
N THR E 77 37.09 20.87 11.97
CA THR E 77 37.18 19.96 10.83
C THR E 77 36.27 18.74 10.94
N ASP E 78 36.29 18.04 12.08
CA ASP E 78 35.57 16.77 12.21
C ASP E 78 34.42 16.90 13.19
N PHE E 79 33.30 16.23 12.87
CA PHE E 79 32.07 16.31 13.65
C PHE E 79 31.50 14.91 13.84
N THR E 80 30.49 14.80 14.69
CA THR E 80 29.99 13.49 15.09
C THR E 80 28.49 13.56 15.38
N LEU E 81 27.73 12.67 14.75
CA LEU E 81 26.33 12.47 15.11
C LEU E 81 26.23 11.16 15.89
N THR E 82 25.55 11.22 17.04
CA THR E 82 25.36 10.05 17.87
C THR E 82 23.92 9.95 18.32
N ILE E 83 23.39 8.74 18.23
CA ILE E 83 22.05 8.42 18.68
C ILE E 83 22.19 7.66 20.00
N SER E 84 21.49 8.14 21.03
CA SER E 84 21.62 7.55 22.36
C SER E 84 21.13 6.11 22.36
N SER E 85 19.95 5.87 21.79
CA SER E 85 19.40 4.52 21.61
C SER E 85 18.77 4.48 20.23
N VAL E 86 19.29 3.62 19.37
CA VAL E 86 18.79 3.55 18.00
C VAL E 86 17.46 2.79 17.99
N GLN E 87 16.42 3.42 17.48
CA GLN E 87 15.11 2.80 17.34
C GLN E 87 14.84 2.45 15.88
N ALA E 88 13.76 1.71 15.66
CA ALA E 88 13.44 1.25 14.30
C ALA E 88 13.20 2.43 13.37
N GLU E 89 12.57 3.49 13.87
CA GLU E 89 12.34 4.70 13.08
C GLU E 89 13.64 5.41 12.70
N ASP E 90 14.73 5.18 13.41
CA ASP E 90 15.96 5.88 13.07
C ASP E 90 16.72 5.23 11.93
N LEU E 91 16.24 4.10 11.41
CA LEU E 91 16.84 3.49 10.24
C LEU E 91 16.61 4.38 9.02
N ALA E 92 17.71 4.79 8.38
CA ALA E 92 17.68 5.75 7.28
C ALA E 92 19.11 6.05 6.82
N VAL E 93 19.27 6.94 5.83
CA VAL E 93 20.57 7.44 5.42
C VAL E 93 20.78 8.79 6.09
N TYR E 94 22.00 9.05 6.58
CA TYR E 94 22.32 10.25 7.36
C TYR E 94 23.45 11.01 6.68
N TYR E 95 23.15 12.21 6.20
CA TYR E 95 24.14 13.05 5.55
C TYR E 95 24.55 14.22 6.44
N CYS E 96 25.81 14.61 6.33
CA CYS E 96 26.28 15.86 6.90
C CYS E 96 26.60 16.83 5.78
N GLN E 97 26.45 18.12 6.08
CA GLN E 97 26.51 19.15 5.06
C GLN E 97 27.40 20.31 5.50
N ASN E 98 28.18 20.81 4.55
CA ASN E 98 28.84 22.09 4.68
C ASN E 98 27.80 23.19 4.47
N ASP E 99 27.56 23.99 5.51
CA ASP E 99 26.64 25.12 5.46
C ASP E 99 27.40 26.42 5.64
N HIS E 100 28.71 26.39 5.41
CA HIS E 100 29.60 27.51 5.71
C HIS E 100 29.95 28.33 4.48
N ARG E 101 30.62 27.73 3.51
CA ARG E 101 30.99 28.47 2.31
C ARG E 101 30.37 27.81 1.08
N TYR E 102 30.40 28.52 -0.04
CA TYR E 102 29.98 28.13 -1.38
C TYR E 102 31.14 27.47 -2.13
N PRO E 103 30.90 26.43 -2.92
CA PRO E 103 29.60 25.76 -3.04
C PRO E 103 29.27 24.94 -1.79
N LEU E 104 28.00 24.81 -1.46
CA LEU E 104 27.63 23.94 -0.34
C LEU E 104 27.81 22.49 -0.77
N THR E 105 28.23 21.65 0.17
CA THR E 105 28.66 20.29 -0.15
C THR E 105 28.16 19.32 0.91
N PHE E 106 27.75 18.14 0.47
CA PHE E 106 27.28 17.07 1.34
C PHE E 106 28.33 15.96 1.44
N GLY E 107 28.15 15.09 2.43
CA GLY E 107 28.94 13.89 2.55
C GLY E 107 28.36 12.76 1.73
N ALA E 108 29.07 11.63 1.75
CA ALA E 108 28.64 10.44 1.02
C ALA E 108 27.53 9.67 1.74
N GLY E 109 27.18 10.04 2.96
CA GLY E 109 26.11 9.39 3.67
C GLY E 109 26.55 8.19 4.48
N THR E 110 26.02 8.10 5.70
CA THR E 110 26.18 6.94 6.57
C THR E 110 24.80 6.31 6.76
N LYS E 111 24.60 5.12 6.19
CA LYS E 111 23.30 4.45 6.19
C LYS E 111 23.17 3.48 7.37
N LEU E 112 22.12 3.66 8.17
CA LEU E 112 21.83 2.77 9.29
C LEU E 112 20.97 1.62 8.79
N GLU E 113 21.48 0.40 8.91
CA GLU E 113 20.78 -0.82 8.55
C GLU E 113 20.62 -1.71 9.78
N LEU E 114 19.80 -2.75 9.64
CA LEU E 114 19.45 -3.63 10.75
C LEU E 114 20.12 -4.99 10.60
N LYS E 115 20.56 -5.55 11.73
CA LYS E 115 21.28 -6.83 11.71
C LYS E 115 20.36 -8.05 11.51
N LEU E 123 13.59 -10.56 17.17
CA LEU E 123 12.49 -9.63 16.88
C LEU E 123 11.52 -9.54 18.05
N LYS E 124 11.70 -10.43 19.02
CA LYS E 124 10.80 -10.47 20.17
C LYS E 124 11.02 -9.30 21.12
N SER E 125 12.16 -8.61 21.02
CA SER E 125 12.50 -7.47 21.85
C SER E 125 11.78 -6.20 21.43
N TRP E 126 11.05 -6.26 20.32
CA TRP E 126 10.29 -5.13 19.81
C TRP E 126 8.85 -5.21 20.31
N THR E 127 8.31 -4.06 20.64
CA THR E 127 6.88 -4.01 20.92
C THR E 127 6.08 -4.09 19.63
N VAL E 128 4.80 -4.36 19.77
CA VAL E 128 3.92 -4.38 18.62
C VAL E 128 3.94 -3.02 17.93
N GLU E 129 3.88 -1.94 18.70
CA GLU E 129 3.93 -0.61 18.10
C GLU E 129 5.15 -0.44 17.21
N ASP E 130 6.32 -0.93 17.65
CA ASP E 130 7.53 -0.78 16.84
C ASP E 130 7.48 -1.66 15.60
N LEU E 131 6.93 -2.87 15.75
CA LEU E 131 6.78 -3.76 14.59
C LEU E 131 5.86 -3.13 13.56
N GLN E 132 4.70 -2.65 13.99
CA GLN E 132 3.81 -2.00 13.06
C GLN E 132 4.45 -0.78 12.45
N LYS E 133 5.32 -0.11 13.21
CA LYS E 133 5.98 1.09 12.71
C LYS E 133 6.89 0.74 11.55
N ARG E 134 7.63 -0.36 11.68
CA ARG E 134 8.47 -0.86 10.58
C ARG E 134 7.63 -1.24 9.36
N LEU E 135 6.50 -1.91 9.57
CA LEU E 135 5.62 -2.20 8.45
C LEU E 135 5.24 -0.92 7.69
N LEU E 136 4.72 0.07 8.41
CA LEU E 136 4.25 1.29 7.74
C LEU E 136 5.39 2.02 7.02
N ALA E 137 6.62 1.86 7.49
CA ALA E 137 7.77 2.45 6.80
C ALA E 137 8.16 1.68 5.56
N LEU E 138 7.81 0.39 5.46
CA LEU E 138 8.09 -0.39 4.27
C LEU E 138 7.22 0.00 3.08
N ASP E 139 6.14 0.75 3.29
CA ASP E 139 5.24 1.10 2.18
C ASP E 139 5.78 2.22 1.30
N PRO E 140 6.32 3.32 1.84
CA PRO E 140 6.87 4.35 0.93
C PRO E 140 8.12 3.86 0.21
N MET E 141 8.91 2.98 0.83
CA MET E 141 10.04 2.37 0.14
C MET E 141 9.57 1.63 -1.11
N MET E 142 8.58 0.75 -0.95
CA MET E 142 8.12 -0.07 -2.05
C MET E 142 7.42 0.77 -3.12
N GLU E 143 6.62 1.76 -2.71
CA GLU E 143 5.96 2.59 -3.71
C GLU E 143 6.97 3.41 -4.50
N GLN E 144 8.11 3.75 -3.89
CA GLN E 144 9.13 4.51 -4.59
C GLN E 144 9.91 3.66 -5.58
N GLU E 145 10.14 2.38 -5.26
CA GLU E 145 10.81 1.50 -6.21
C GLU E 145 9.90 1.16 -7.38
N ILE E 146 8.60 1.02 -7.13
CA ILE E 146 7.68 0.75 -8.21
C ILE E 146 7.58 1.95 -9.13
N GLU E 147 7.60 3.16 -8.56
CA GLU E 147 7.49 4.34 -9.40
C GLU E 147 8.70 4.47 -10.33
N GLU E 148 9.88 4.09 -9.85
CA GLU E 148 11.06 4.12 -10.72
C GLU E 148 10.89 3.17 -11.91
N ILE E 149 10.31 2.01 -11.68
CA ILE E 149 10.09 1.06 -12.77
C ILE E 149 9.10 1.63 -13.79
N ARG E 150 7.95 2.12 -13.31
CA ARG E 150 6.95 2.63 -14.25
C ARG E 150 7.51 3.75 -15.10
N GLN E 151 8.40 4.55 -14.54
CA GLN E 151 8.98 5.64 -15.31
C GLN E 151 10.03 5.13 -16.29
N LYS E 152 10.78 4.10 -15.89
CA LYS E 152 11.75 3.51 -16.80
C LYS E 152 11.07 2.91 -18.02
N TYR E 153 9.88 2.32 -17.83
CA TYR E 153 9.21 1.65 -18.94
C TYR E 153 8.42 2.62 -19.79
N GLN E 154 7.83 3.64 -19.19
CA GLN E 154 7.27 4.71 -20.01
C GLN E 154 8.35 5.31 -20.89
N CYS E 155 9.58 5.34 -20.41
CA CYS E 155 10.68 5.83 -21.24
C CYS E 155 11.00 4.86 -22.37
N LYS E 156 11.15 3.58 -22.05
CA LYS E 156 11.40 2.53 -23.04
C LYS E 156 10.40 2.53 -24.19
N ARG E 157 9.17 3.00 -23.96
CA ARG E 157 8.13 2.90 -24.96
C ARG E 157 7.93 4.19 -25.75
N GLN E 158 8.72 5.23 -25.47
CA GLN E 158 8.59 6.46 -26.27
C GLN E 158 9.08 6.27 -27.70
N PRO E 159 10.28 5.73 -27.96
CA PRO E 159 10.68 5.58 -29.37
C PRO E 159 9.69 4.78 -30.18
N ILE E 160 9.11 3.74 -29.58
CA ILE E 160 8.22 2.84 -30.30
C ILE E 160 6.88 3.51 -30.59
N LEU E 161 6.35 4.25 -29.63
CA LEU E 161 5.08 4.92 -29.85
C LEU E 161 5.20 6.00 -30.91
N ASP E 162 6.40 6.59 -31.03
CA ASP E 162 6.62 7.60 -32.05
C ASP E 162 6.69 7.00 -33.45
N ALA E 163 7.15 5.77 -33.59
CA ALA E 163 7.19 5.12 -34.90
C ALA E 163 5.82 4.60 -35.31
N ILE E 164 4.97 4.26 -34.33
CA ILE E 164 3.62 3.80 -34.64
C ILE E 164 2.76 4.96 -35.12
N GLU E 165 2.97 6.14 -34.55
CA GLU E 165 2.15 7.31 -34.86
C GLU E 165 2.92 8.35 -35.68
N HIS F 1 23.83 38.70 0.14
CA HIS F 1 23.18 37.56 -0.53
C HIS F 1 22.56 36.56 0.44
N HIS F 2 23.32 36.14 1.46
CA HIS F 2 22.88 35.10 2.38
C HIS F 2 23.29 35.47 3.79
N HIS F 3 22.57 34.89 4.76
CA HIS F 3 22.82 35.20 6.16
C HIS F 3 24.28 35.00 6.57
N HIS F 4 24.93 33.97 6.02
CA HIS F 4 26.29 33.67 6.44
C HIS F 4 27.09 32.90 5.40
N HIS F 5 26.41 32.34 4.40
CA HIS F 5 27.10 31.74 3.27
C HIS F 5 27.97 32.78 2.59
N HIS F 6 29.20 32.38 2.27
CA HIS F 6 30.09 33.29 1.55
C HIS F 6 31.17 32.52 0.81
#